data_4ZCL
#
_entry.id   4ZCL
#
_cell.length_a   56.430
_cell.length_b   160.010
_cell.length_c   90.020
_cell.angle_alpha   90.00
_cell.angle_beta   97.70
_cell.angle_gamma   90.00
#
_symmetry.space_group_name_H-M   'P 1 21 1'
#
loop_
_entity.id
_entity.type
_entity.pdbx_description
1 polymer 'GTP-binding protein TypA/BipA'
2 non-polymer 'COBALT HEXAMMINE(III)'
3 non-polymer "GUANOSINE-5'-DIPHOSPHATE"
4 non-polymer 'MAGNESIUM ION'
#
_entity_poly.entity_id   1
_entity_poly.type   'polypeptide(L)'
_entity_poly.pdbx_seq_one_letter_code
;MGSSHHHHHHSSGLVPRGSHMASMTGGQQMGRGSMIEKLRNIAIIAHVDHGKTTLVDKLLQQSGTFDSRAETQERVMDSN
DLEKERGITILAKNTAIKWNDYRINIVDTPGHADFGGEVERVMSMVDSVLLVVDAFDGPMPQTRFVTKKAFAYGLKPIVV
INKVDRPGARPDWVVDQVFDLFVNLDATDEQLDFPIVYASALNGIAGLDHEDMAEDMTPLYQAIVDHVPAPDVDLDGPFQ
MQISQLDYNSYVGVIGIGRIKRGKVKPNQQVTIIDSEGKTRNAKVGKVLGHLGLERIETDLAEAGDIVAITGLGELNISD
TVCDTQNVEALPALSVDEPTVSMFFCVNTSPFCGKEGKFVTSRQILDRLNKELVHNVALRVEETEDADAFRVSGRGELHL
SVLIENMRREGFELAVSRPKVIFREIDGRKQEPYENVTLDVEEQHQGSVMQALGERKGDLKNMNPDGKGRVRLDYVIPSR
GLIGFRSEFMTMTSGTGLLYSTFSHYDDVRPGEVGQRQNGVLISNGQGKAVAFALFGLQDRGKLFLGHGAEVYEGQIIGI
HSRSNDLTVNCLTGKKLTNMRASGTDEAVVLVPPIRMTLEQALEFIDDDELVEVTPTSIRIRKRHLTENDRRRAN
;
_entity_poly.pdbx_strand_id   A,B
#
# COMPACT_ATOMS: atom_id res chain seq x y z
N MET A 35 -2.36 -33.75 18.73
CA MET A 35 -2.82 -33.74 17.35
C MET A 35 -3.30 -32.34 16.94
N ILE A 36 -2.86 -31.90 15.75
CA ILE A 36 -3.21 -30.59 15.21
C ILE A 36 -2.80 -29.45 16.14
N GLU A 37 -1.84 -29.72 17.02
CA GLU A 37 -1.32 -28.70 17.92
C GLU A 37 0.19 -28.57 17.77
N LYS A 38 0.64 -28.57 16.52
CA LYS A 38 2.03 -28.25 16.20
C LYS A 38 2.11 -26.78 15.84
N LEU A 39 1.17 -25.99 16.37
CA LEU A 39 1.06 -24.57 16.05
C LEU A 39 1.82 -23.70 17.04
N ARG A 40 2.51 -22.69 16.50
CA ARG A 40 3.23 -21.74 17.33
C ARG A 40 2.98 -20.31 16.86
N ASN A 41 2.00 -19.65 17.47
CA ASN A 41 1.70 -18.26 17.16
C ASN A 41 2.55 -17.32 18.02
N ILE A 42 3.54 -16.69 17.40
CA ILE A 42 4.45 -15.83 18.12
C ILE A 42 4.58 -14.45 17.45
N ALA A 43 4.64 -13.41 18.27
CA ALA A 43 4.87 -12.06 17.76
C ALA A 43 6.36 -11.73 17.83
N ILE A 44 6.79 -10.74 17.05
CA ILE A 44 8.20 -10.37 17.04
C ILE A 44 8.40 -8.87 17.29
N ILE A 45 9.27 -8.56 18.24
CA ILE A 45 9.61 -7.18 18.56
C ILE A 45 11.09 -6.92 18.32
N ALA A 46 11.39 -5.84 17.62
CA ALA A 46 12.77 -5.45 17.40
C ALA A 46 12.88 -3.97 17.08
N HIS A 47 13.87 -3.31 17.68
CA HIS A 47 14.18 -1.93 17.34
C HIS A 47 14.61 -1.86 15.88
N VAL A 48 14.55 -0.68 15.29
CA VAL A 48 14.91 -0.49 13.90
C VAL A 48 16.33 -0.97 13.61
N ASP A 49 16.49 -1.68 12.50
CA ASP A 49 17.79 -2.19 12.04
C ASP A 49 18.46 -3.15 13.02
N HIS A 50 17.67 -3.75 13.91
CA HIS A 50 18.20 -4.75 14.82
C HIS A 50 18.07 -6.15 14.22
N GLY A 51 17.52 -6.23 13.02
CA GLY A 51 17.57 -7.46 12.24
C GLY A 51 16.38 -8.39 12.32
N LYS A 52 15.17 -7.85 12.46
CA LYS A 52 14.00 -8.71 12.52
C LYS A 52 13.51 -9.10 11.13
N THR A 53 13.81 -8.26 10.14
CA THR A 53 13.47 -8.59 8.75
C THR A 53 14.37 -9.72 8.26
N THR A 54 15.66 -9.60 8.54
CA THR A 54 16.64 -10.60 8.12
C THR A 54 16.43 -11.93 8.84
N LEU A 55 16.13 -11.87 10.14
CA LEU A 55 15.95 -13.07 10.94
C LEU A 55 14.79 -13.91 10.46
N VAL A 56 13.62 -13.30 10.32
CA VAL A 56 12.43 -13.98 9.84
C VAL A 56 12.64 -14.53 8.43
N ASP A 57 13.39 -13.77 7.63
CA ASP A 57 13.70 -14.19 6.26
C ASP A 57 14.51 -15.48 6.24
N LYS A 58 15.46 -15.59 7.16
CA LYS A 58 16.30 -16.78 7.24
C LYS A 58 15.50 -17.99 7.72
N LEU A 59 14.62 -17.77 8.68
CA LEU A 59 13.74 -18.82 9.19
C LEU A 59 12.83 -19.33 8.09
N LEU A 60 12.58 -18.48 7.10
CA LEU A 60 11.73 -18.85 5.98
C LEU A 60 12.46 -19.72 4.97
N GLN A 61 13.65 -19.27 4.55
CA GLN A 61 14.40 -19.96 3.51
C GLN A 61 15.03 -21.26 4.01
N GLN A 62 15.17 -21.39 5.32
CA GLN A 62 15.77 -22.59 5.91
C GLN A 62 14.72 -23.51 6.51
N SER A 63 13.58 -23.62 5.84
CA SER A 63 12.48 -24.44 6.33
C SER A 63 11.86 -25.29 5.23
N GLY A 64 10.80 -26.00 5.58
CA GLY A 64 10.11 -26.87 4.64
C GLY A 64 9.09 -26.14 3.79
N THR A 65 8.91 -24.85 4.06
CA THR A 65 7.97 -24.04 3.30
C THR A 65 8.68 -23.29 2.17
N ILE A 90 10.88 -4.80 3.92
CA ILE A 90 10.04 -4.79 5.09
C ILE A 90 9.26 -6.11 5.20
N LEU A 91 9.00 -6.54 6.43
CA LEU A 91 8.33 -7.82 6.68
C LEU A 91 6.86 -7.81 6.24
N ALA A 92 6.29 -9.01 6.18
CA ALA A 92 4.85 -9.15 6.02
C ALA A 92 4.20 -9.09 7.39
N LYS A 93 2.94 -8.69 7.44
CA LYS A 93 2.22 -8.59 8.71
C LYS A 93 2.23 -9.93 9.45
N ASN A 94 2.17 -11.01 8.69
CA ASN A 94 2.29 -12.36 9.25
C ASN A 94 3.05 -13.29 8.31
N THR A 95 4.09 -13.92 8.84
CA THR A 95 4.89 -14.86 8.05
C THR A 95 4.65 -16.29 8.53
N ALA A 96 4.12 -17.12 7.65
CA ALA A 96 3.83 -18.52 7.99
C ALA A 96 4.98 -19.43 7.62
N ILE A 97 5.46 -20.20 8.59
CA ILE A 97 6.62 -21.05 8.39
C ILE A 97 6.35 -22.51 8.73
N LYS A 98 6.58 -23.38 7.77
CA LYS A 98 6.50 -24.82 8.00
C LYS A 98 7.88 -25.39 8.30
N TRP A 99 8.07 -25.86 9.51
CA TRP A 99 9.35 -26.45 9.91
C TRP A 99 9.16 -27.77 10.62
N ASN A 100 9.38 -28.86 9.89
CA ASN A 100 9.25 -30.22 10.42
C ASN A 100 7.87 -30.48 11.03
N ASP A 101 6.84 -30.35 10.19
CA ASP A 101 5.45 -30.57 10.57
C ASP A 101 4.98 -29.64 11.69
N TYR A 102 5.79 -28.63 11.99
CA TYR A 102 5.37 -27.54 12.87
C TYR A 102 4.98 -26.34 12.03
N ARG A 103 3.92 -25.64 12.44
CA ARG A 103 3.51 -24.43 11.75
C ARG A 103 3.67 -23.22 12.67
N ILE A 104 4.73 -22.45 12.41
CA ILE A 104 5.02 -21.27 13.22
C ILE A 104 4.52 -20.00 12.53
N ASN A 105 3.64 -19.28 13.21
CA ASN A 105 3.18 -17.98 12.72
C ASN A 105 3.94 -16.84 13.39
N ILE A 106 4.67 -16.08 12.60
CA ILE A 106 5.41 -14.94 13.12
C ILE A 106 4.69 -13.63 12.77
N VAL A 107 3.93 -13.11 13.74
CA VAL A 107 3.18 -11.88 13.55
C VAL A 107 4.05 -10.67 13.85
N ASP A 108 4.04 -9.70 12.94
CA ASP A 108 4.89 -8.52 13.07
C ASP A 108 4.26 -7.45 13.96
N THR A 109 5.11 -6.69 14.64
CA THR A 109 4.66 -5.58 15.47
C THR A 109 4.98 -4.26 14.78
N PRO A 110 4.11 -3.24 14.94
CA PRO A 110 4.29 -1.97 14.25
C PRO A 110 5.45 -1.15 14.79
N GLY A 111 5.70 0.02 14.19
CA GLY A 111 6.73 0.91 14.65
C GLY A 111 6.47 1.38 16.07
N HIS A 112 7.49 1.96 16.70
CA HIS A 112 7.41 2.39 18.09
C HIS A 112 6.30 3.42 18.34
N ALA A 113 5.86 4.07 17.27
CA ALA A 113 4.78 5.06 17.37
C ALA A 113 3.52 4.57 16.69
N ASP A 114 2.71 3.79 17.42
CA ASP A 114 1.43 3.33 16.91
C ASP A 114 0.40 3.33 18.03
N PHE A 115 -0.14 4.51 18.33
CA PHE A 115 -1.11 4.68 19.41
C PHE A 115 -2.50 4.18 19.02
N GLY A 116 -2.63 3.71 17.78
CA GLY A 116 -3.89 3.18 17.29
C GLY A 116 -4.34 1.97 18.07
N GLY A 117 -3.39 1.29 18.71
CA GLY A 117 -3.68 0.13 19.52
C GLY A 117 -3.53 -1.17 18.75
N GLU A 118 -2.70 -1.14 17.72
CA GLU A 118 -2.47 -2.33 16.89
C GLU A 118 -1.66 -3.37 17.64
N VAL A 119 -0.74 -2.90 18.49
CA VAL A 119 0.14 -3.79 19.26
C VAL A 119 -0.65 -4.78 20.10
N GLU A 120 -1.58 -4.26 20.90
CA GLU A 120 -2.39 -5.10 21.77
C GLU A 120 -3.27 -6.07 20.98
N ARG A 121 -3.67 -5.66 19.77
CA ARG A 121 -4.40 -6.55 18.88
C ARG A 121 -3.53 -7.72 18.46
N VAL A 122 -2.29 -7.41 18.12
CA VAL A 122 -1.31 -8.43 17.74
C VAL A 122 -1.05 -9.39 18.89
N MET A 123 -0.91 -8.85 20.10
CA MET A 123 -0.66 -9.66 21.28
C MET A 123 -1.83 -10.57 21.61
N SER A 124 -3.01 -10.23 21.08
CA SER A 124 -4.22 -11.02 21.32
C SER A 124 -4.27 -12.26 20.43
N MET A 125 -3.39 -12.30 19.43
CA MET A 125 -3.36 -13.42 18.50
C MET A 125 -2.22 -14.39 18.81
N VAL A 126 -1.22 -13.93 19.53
CA VAL A 126 -0.04 -14.73 19.80
C VAL A 126 0.01 -15.24 21.24
N ASP A 127 0.81 -16.27 21.47
CA ASP A 127 0.94 -16.87 22.78
C ASP A 127 2.34 -16.66 23.35
N SER A 128 3.16 -15.94 22.59
CA SER A 128 4.51 -15.59 23.02
C SER A 128 5.04 -14.47 22.15
N VAL A 129 6.16 -13.87 22.56
CA VAL A 129 6.74 -12.76 21.82
C VAL A 129 8.24 -12.98 21.59
N LEU A 130 8.73 -12.55 20.43
CA LEU A 130 10.13 -12.74 20.07
C LEU A 130 10.87 -11.41 20.08
N LEU A 131 11.65 -11.18 21.13
CA LEU A 131 12.38 -9.93 21.28
C LEU A 131 13.78 -10.02 20.66
N VAL A 132 13.95 -9.37 19.51
CA VAL A 132 15.24 -9.33 18.84
C VAL A 132 16.06 -8.14 19.31
N VAL A 133 17.26 -8.41 19.79
CA VAL A 133 18.12 -7.37 20.37
C VAL A 133 19.51 -7.40 19.77
N ASP A 134 20.01 -6.22 19.38
CA ASP A 134 21.36 -6.08 18.87
C ASP A 134 22.38 -6.55 19.90
N ALA A 135 23.42 -7.24 19.44
CA ALA A 135 24.41 -7.83 20.34
C ALA A 135 25.30 -6.79 21.01
N PHE A 136 25.32 -5.58 20.46
CA PHE A 136 26.16 -4.52 21.01
C PHE A 136 25.34 -3.38 21.59
N ASP A 137 24.48 -2.78 20.77
CA ASP A 137 23.67 -1.65 21.19
C ASP A 137 22.74 -2.00 22.34
N GLY A 138 22.38 -3.27 22.43
CA GLY A 138 21.45 -3.72 23.45
C GLY A 138 20.04 -3.28 23.13
N PRO A 139 19.11 -3.52 24.06
CA PRO A 139 17.70 -3.13 23.85
C PRO A 139 17.52 -1.62 23.89
N MET A 140 16.65 -1.11 23.02
CA MET A 140 16.40 0.32 22.95
C MET A 140 15.09 0.67 23.67
N PRO A 141 15.04 1.86 24.28
CA PRO A 141 13.85 2.35 24.98
C PRO A 141 12.65 2.60 24.05
N GLN A 142 12.85 2.44 22.75
CA GLN A 142 11.76 2.65 21.79
C GLN A 142 10.80 1.47 21.78
N THR A 143 11.33 0.28 22.01
CA THR A 143 10.51 -0.92 22.05
C THR A 143 9.98 -1.18 23.46
N ARG A 144 10.07 -0.17 24.30
CA ARG A 144 9.59 -0.22 25.68
C ARG A 144 8.15 -0.67 25.78
N PHE A 145 7.26 0.12 25.19
CA PHE A 145 5.82 -0.06 25.36
C PHE A 145 5.30 -1.31 24.66
N VAL A 146 5.88 -1.65 23.53
CA VAL A 146 5.49 -2.85 22.80
C VAL A 146 5.79 -4.08 23.65
N THR A 147 6.91 -4.04 24.36
CA THR A 147 7.30 -5.10 25.28
C THR A 147 6.38 -5.10 26.50
N LYS A 148 6.03 -3.92 26.98
CA LYS A 148 5.15 -3.75 28.14
C LYS A 148 3.79 -4.39 27.90
N LYS A 149 3.24 -4.15 26.71
CA LYS A 149 1.93 -4.69 26.36
C LYS A 149 1.97 -6.20 26.17
N ALA A 150 3.14 -6.71 25.76
CA ALA A 150 3.33 -8.15 25.64
C ALA A 150 3.23 -8.80 27.01
N PHE A 151 3.86 -8.17 28.00
CA PHE A 151 3.79 -8.66 29.37
C PHE A 151 2.39 -8.50 29.94
N ALA A 152 1.71 -7.44 29.53
CA ALA A 152 0.35 -7.16 29.98
C ALA A 152 -0.61 -8.25 29.54
N TYR A 153 -0.30 -8.88 28.41
CA TYR A 153 -1.10 -9.97 27.90
C TYR A 153 -0.57 -11.31 28.38
N GLY A 154 0.35 -11.27 29.34
CA GLY A 154 0.87 -12.46 29.98
C GLY A 154 1.73 -13.33 29.11
N LEU A 155 2.40 -12.72 28.13
CA LEU A 155 3.26 -13.46 27.23
C LEU A 155 4.66 -13.64 27.80
N LYS A 156 5.21 -14.84 27.64
CA LYS A 156 6.59 -15.11 28.04
C LYS A 156 7.50 -14.96 26.83
N PRO A 157 8.47 -14.04 26.91
CA PRO A 157 9.30 -13.65 25.76
C PRO A 157 10.44 -14.61 25.45
N ILE A 158 10.82 -14.65 24.18
CA ILE A 158 12.01 -15.36 23.73
C ILE A 158 13.00 -14.33 23.22
N VAL A 159 14.08 -14.09 23.97
CA VAL A 159 15.03 -13.05 23.60
C VAL A 159 16.09 -13.55 22.62
N VAL A 160 16.09 -12.97 21.43
CA VAL A 160 17.07 -13.30 20.41
C VAL A 160 18.11 -12.20 20.28
N ILE A 161 19.33 -12.51 20.71
CA ILE A 161 20.44 -11.57 20.59
C ILE A 161 21.22 -11.87 19.32
N ASN A 162 20.86 -11.18 18.23
CA ASN A 162 21.52 -11.40 16.95
C ASN A 162 22.56 -10.33 16.67
N LYS A 163 23.19 -10.40 15.49
CA LYS A 163 24.33 -9.57 15.14
C LYS A 163 25.47 -9.85 16.11
N VAL A 164 25.57 -11.11 16.53
CA VAL A 164 26.57 -11.53 17.48
C VAL A 164 27.95 -11.62 16.82
N ASP A 165 27.96 -11.48 15.50
CA ASP A 165 29.20 -11.60 14.72
C ASP A 165 29.96 -10.28 14.65
N ARG A 166 29.30 -9.18 14.99
CA ARG A 166 29.95 -7.87 14.93
C ARG A 166 31.00 -7.75 16.02
N PRO A 167 32.15 -7.14 15.67
CA PRO A 167 33.26 -6.98 16.61
C PRO A 167 32.89 -6.09 17.80
N GLY A 168 33.20 -6.55 19.00
CA GLY A 168 32.87 -5.81 20.20
C GLY A 168 31.48 -6.14 20.71
N ALA A 169 30.88 -7.18 20.15
CA ALA A 169 29.58 -7.65 20.61
C ALA A 169 29.70 -8.11 22.06
N ARG A 170 28.75 -7.68 22.89
CA ARG A 170 28.78 -7.99 24.30
C ARG A 170 27.50 -8.72 24.72
N PRO A 171 27.41 -10.03 24.42
CA PRO A 171 26.24 -10.84 24.72
C PRO A 171 25.90 -10.85 26.20
N ASP A 172 26.92 -11.01 27.05
CA ASP A 172 26.71 -11.02 28.49
C ASP A 172 26.11 -9.70 28.98
N TRP A 173 26.55 -8.60 28.40
CA TRP A 173 26.09 -7.28 28.82
C TRP A 173 24.65 -7.01 28.39
N VAL A 174 24.32 -7.36 27.15
CA VAL A 174 22.98 -7.11 26.64
C VAL A 174 21.96 -8.03 27.29
N VAL A 175 22.44 -9.14 27.85
CA VAL A 175 21.57 -10.02 28.63
C VAL A 175 21.12 -9.29 29.89
N ASP A 176 22.08 -8.65 30.57
CA ASP A 176 21.78 -7.86 31.76
C ASP A 176 20.82 -6.72 31.44
N GLN A 177 21.09 -6.01 30.35
CA GLN A 177 20.28 -4.88 29.93
C GLN A 177 18.83 -5.30 29.67
N VAL A 178 18.65 -6.37 28.90
CA VAL A 178 17.33 -6.91 28.62
C VAL A 178 16.65 -7.36 29.91
N PHE A 179 17.40 -8.06 30.75
CA PHE A 179 16.90 -8.53 32.03
C PHE A 179 16.47 -7.37 32.92
N ASP A 180 17.29 -6.33 32.96
CA ASP A 180 16.97 -5.13 33.73
C ASP A 180 15.80 -4.37 33.11
N LEU A 181 15.71 -4.39 31.79
CA LEU A 181 14.62 -3.73 31.08
C LEU A 181 13.29 -4.36 31.45
N PHE A 182 13.32 -5.62 31.89
CA PHE A 182 12.11 -6.31 32.30
C PHE A 182 11.64 -5.86 33.68
N VAL A 183 12.15 -4.68 34.07
CA VAL A 183 11.65 -3.91 35.19
C VAL A 183 10.25 -3.46 34.88
N ASN A 184 9.64 -4.07 33.89
CA ASN A 184 8.30 -3.76 33.51
C ASN A 184 7.47 -4.60 34.41
N LEU A 185 7.44 -4.19 35.64
CA LEU A 185 6.61 -4.86 36.64
C LEU A 185 6.33 -6.28 36.14
N ASP A 186 7.28 -6.83 35.39
CA ASP A 186 7.11 -8.14 34.77
C ASP A 186 7.08 -9.25 35.82
N ALA A 187 6.23 -10.24 35.59
CA ALA A 187 6.10 -11.37 36.50
C ALA A 187 7.40 -12.16 36.57
N THR A 188 7.60 -12.87 37.67
CA THR A 188 8.75 -13.75 37.83
C THR A 188 8.72 -14.79 36.72
N ASP A 189 7.54 -15.32 36.46
CA ASP A 189 7.34 -16.33 35.42
C ASP A 189 7.86 -15.86 34.06
N GLU A 190 7.59 -14.61 33.74
CA GLU A 190 8.05 -14.01 32.48
C GLU A 190 9.55 -13.74 32.51
N GLN A 191 10.03 -13.21 33.62
CA GLN A 191 11.43 -12.85 33.76
C GLN A 191 12.31 -14.08 33.94
N LEU A 192 11.86 -15.02 34.76
CA LEU A 192 12.59 -16.26 34.94
C LEU A 192 12.41 -17.15 33.71
N ASP A 193 13.51 -17.78 33.29
CA ASP A 193 13.48 -18.79 32.23
C ASP A 193 13.03 -18.27 30.88
N PHE A 194 13.29 -17.00 30.58
CA PHE A 194 13.15 -16.57 29.19
C PHE A 194 14.41 -17.06 28.49
N PRO A 195 14.24 -17.88 27.45
CA PRO A 195 15.41 -18.47 26.78
C PRO A 195 16.15 -17.45 25.95
N ILE A 196 17.47 -17.62 25.85
CA ILE A 196 18.29 -16.70 25.10
C ILE A 196 18.93 -17.40 23.90
N VAL A 197 18.44 -17.06 22.72
CA VAL A 197 19.00 -17.62 21.48
C VAL A 197 19.88 -16.59 20.80
N TYR A 198 21.17 -16.88 20.73
CA TYR A 198 22.10 -16.01 20.03
C TYR A 198 22.05 -16.30 18.54
N ALA A 199 22.10 -15.25 17.73
CA ALA A 199 21.97 -15.42 16.30
C ALA A 199 22.92 -14.52 15.52
N SER A 200 23.02 -14.77 14.23
CA SER A 200 23.75 -13.91 13.31
C SER A 200 22.99 -13.94 12.00
N ALA A 201 21.76 -13.43 12.04
CA ALA A 201 20.78 -13.54 10.96
C ALA A 201 21.37 -13.38 9.56
N LEU A 202 22.33 -12.46 9.41
CA LEU A 202 22.96 -12.24 8.11
C LEU A 202 23.81 -13.45 7.69
N ASN A 203 24.10 -14.34 8.65
CA ASN A 203 24.80 -15.58 8.36
C ASN A 203 23.85 -16.78 8.33
N GLY A 204 22.67 -16.62 8.93
CA GLY A 204 21.71 -17.70 9.03
C GLY A 204 22.11 -18.70 10.09
N ILE A 205 22.88 -18.23 11.07
CA ILE A 205 23.42 -19.10 12.12
C ILE A 205 22.86 -18.72 13.49
N ALA A 206 22.50 -19.72 14.28
CA ALA A 206 22.01 -19.50 15.64
C ALA A 206 22.60 -20.51 16.62
N GLY A 207 22.37 -20.29 17.91
CA GLY A 207 22.86 -21.19 18.94
C GLY A 207 22.52 -20.72 20.34
N LEU A 208 22.45 -21.67 21.28
CA LEU A 208 22.14 -21.34 22.67
C LEU A 208 23.32 -20.65 23.33
N ASP A 209 24.52 -20.94 22.84
CA ASP A 209 25.72 -20.19 23.22
C ASP A 209 26.16 -19.39 22.01
N HIS A 210 26.98 -18.36 22.23
CA HIS A 210 27.43 -17.53 21.13
C HIS A 210 28.85 -17.89 20.70
N GLU A 211 29.55 -18.62 21.56
CA GLU A 211 30.84 -19.18 21.20
C GLU A 211 30.60 -20.48 20.44
N ASP A 212 29.72 -21.32 21.00
CA ASP A 212 29.28 -22.53 20.33
C ASP A 212 28.01 -22.26 19.54
N MET A 213 28.12 -22.20 18.22
CA MET A 213 26.99 -21.88 17.37
C MET A 213 26.72 -22.99 16.36
N ALA A 214 25.44 -23.23 16.06
CA ALA A 214 25.06 -24.23 15.07
C ALA A 214 25.35 -23.72 13.66
N GLU A 215 25.22 -24.60 12.67
CA GLU A 215 25.51 -24.25 11.30
C GLU A 215 24.30 -23.63 10.60
N ASP A 216 23.16 -23.62 11.29
CA ASP A 216 21.95 -22.99 10.75
C ASP A 216 21.06 -22.43 11.85
N MET A 217 19.79 -22.23 11.53
CA MET A 217 18.84 -21.59 12.44
C MET A 217 18.09 -22.59 13.32
N THR A 218 18.57 -23.83 13.35
CA THR A 218 17.92 -24.89 14.12
C THR A 218 17.67 -24.56 15.60
N PRO A 219 18.68 -24.01 16.31
CA PRO A 219 18.42 -23.74 17.73
C PRO A 219 17.29 -22.76 17.98
N LEU A 220 17.07 -21.85 17.05
CA LEU A 220 15.99 -20.87 17.17
C LEU A 220 14.63 -21.55 16.98
N TYR A 221 14.53 -22.38 15.95
CA TYR A 221 13.32 -23.18 15.72
C TYR A 221 12.95 -23.97 16.96
N GLN A 222 13.95 -24.65 17.52
CA GLN A 222 13.76 -25.52 18.67
C GLN A 222 13.27 -24.74 19.87
N ALA A 223 13.86 -23.57 20.10
CA ALA A 223 13.46 -22.71 21.21
C ALA A 223 12.01 -22.28 21.08
N ILE A 224 11.61 -21.93 19.87
CA ILE A 224 10.23 -21.56 19.59
C ILE A 224 9.28 -22.71 19.90
N VAL A 225 9.62 -23.90 19.42
CA VAL A 225 8.83 -25.09 19.68
C VAL A 225 8.77 -25.41 21.17
N ASP A 226 9.92 -25.29 21.84
CA ASP A 226 10.03 -25.68 23.24
C ASP A 226 9.35 -24.71 24.21
N HIS A 227 9.49 -23.41 23.97
CA HIS A 227 9.07 -22.42 24.96
C HIS A 227 7.77 -21.68 24.63
N VAL A 228 7.33 -21.75 23.38
CA VAL A 228 6.07 -21.13 23.01
C VAL A 228 4.90 -22.10 23.16
N PRO A 229 3.91 -21.73 23.98
CA PRO A 229 2.73 -22.57 24.20
C PRO A 229 1.87 -22.69 22.95
N ALA A 230 1.19 -23.83 22.82
CA ALA A 230 0.21 -24.01 21.76
C ALA A 230 -1.00 -23.11 22.03
N PRO A 231 -1.70 -22.68 20.97
CA PRO A 231 -2.90 -21.84 21.12
C PRO A 231 -3.92 -22.42 22.09
N ASP A 232 -4.36 -21.61 23.05
CA ASP A 232 -5.37 -22.02 24.01
C ASP A 232 -6.75 -21.99 23.35
N VAL A 233 -7.00 -22.99 22.51
CA VAL A 233 -8.22 -23.04 21.72
C VAL A 233 -8.87 -24.42 21.73
N ASP A 234 -10.18 -24.46 21.52
CA ASP A 234 -10.87 -25.73 21.32
C ASP A 234 -11.26 -25.83 19.86
N LEU A 235 -10.90 -26.96 19.25
CA LEU A 235 -11.09 -27.17 17.82
C LEU A 235 -12.49 -27.66 17.48
N ASP A 236 -13.17 -28.24 18.47
CA ASP A 236 -14.46 -28.89 18.24
C ASP A 236 -15.65 -28.01 18.60
N GLY A 237 -15.39 -26.90 19.29
CA GLY A 237 -16.46 -25.97 19.64
C GLY A 237 -17.02 -25.27 18.42
N PRO A 238 -18.11 -24.52 18.59
CA PRO A 238 -18.67 -23.77 17.47
C PRO A 238 -17.73 -22.65 17.02
N PHE A 239 -17.79 -22.30 15.74
CA PHE A 239 -16.86 -21.33 15.17
C PHE A 239 -16.91 -19.98 15.87
N GLN A 240 -15.73 -19.46 16.20
CA GLN A 240 -15.60 -18.15 16.85
C GLN A 240 -14.27 -17.52 16.49
N MET A 241 -14.30 -16.27 16.04
CA MET A 241 -13.09 -15.59 15.60
C MET A 241 -13.25 -14.07 15.69
N GLN A 242 -12.34 -13.43 16.39
CA GLN A 242 -12.38 -11.97 16.53
C GLN A 242 -11.43 -11.31 15.55
N ILE A 243 -11.93 -10.30 14.85
CA ILE A 243 -11.10 -9.52 13.93
C ILE A 243 -10.06 -8.72 14.72
N SER A 244 -8.79 -9.00 14.47
CA SER A 244 -7.71 -8.30 15.15
C SER A 244 -7.15 -7.19 14.28
N GLN A 245 -6.93 -7.49 13.00
CA GLN A 245 -6.52 -6.47 12.05
C GLN A 245 -7.36 -6.53 10.78
N LEU A 246 -7.30 -5.46 9.99
CA LEU A 246 -8.05 -5.38 8.74
C LEU A 246 -7.12 -5.16 7.56
N ASP A 247 -7.60 -5.51 6.37
CA ASP A 247 -6.86 -5.31 5.14
C ASP A 247 -7.85 -5.18 3.99
N TYR A 248 -7.37 -4.76 2.82
CA TYR A 248 -8.26 -4.55 1.69
C TYR A 248 -7.63 -4.93 0.35
N ASN A 249 -8.47 -5.48 -0.52
CA ASN A 249 -8.09 -5.79 -1.89
C ASN A 249 -9.23 -5.36 -2.81
N SER A 250 -8.90 -4.58 -3.83
CA SER A 250 -9.91 -4.06 -4.75
C SER A 250 -10.63 -5.17 -5.52
N TYR A 251 -10.06 -6.37 -5.50
CA TYR A 251 -10.68 -7.52 -6.15
C TYR A 251 -11.46 -8.37 -5.15
N VAL A 252 -10.98 -8.41 -3.91
CA VAL A 252 -11.56 -9.27 -2.89
C VAL A 252 -12.45 -8.49 -1.92
N GLY A 253 -12.13 -7.21 -1.71
CA GLY A 253 -12.91 -6.37 -0.81
C GLY A 253 -12.27 -6.25 0.56
N VAL A 254 -13.10 -6.05 1.57
CA VAL A 254 -12.62 -5.92 2.94
C VAL A 254 -12.13 -7.27 3.47
N ILE A 255 -10.93 -7.27 4.05
CA ILE A 255 -10.33 -8.50 4.56
C ILE A 255 -10.24 -8.48 6.09
N GLY A 256 -10.77 -9.51 6.73
CA GLY A 256 -10.70 -9.63 8.17
C GLY A 256 -9.64 -10.62 8.61
N ILE A 257 -8.76 -10.18 9.49
CA ILE A 257 -7.64 -11.00 9.94
C ILE A 257 -7.70 -11.26 11.44
N GLY A 258 -7.42 -12.49 11.84
CA GLY A 258 -7.39 -12.85 13.24
C GLY A 258 -6.99 -14.29 13.46
N ARG A 259 -6.90 -14.70 14.72
CA ARG A 259 -6.59 -16.07 15.06
C ARG A 259 -7.85 -16.79 15.55
N ILE A 260 -8.26 -17.82 14.82
CA ILE A 260 -9.50 -18.54 15.12
C ILE A 260 -9.49 -19.09 16.54
N LYS A 261 -10.34 -18.53 17.37
CA LYS A 261 -10.41 -18.89 18.79
C LYS A 261 -11.06 -20.25 18.99
N ARG A 262 -12.02 -20.59 18.14
CA ARG A 262 -12.81 -21.80 18.33
C ARG A 262 -13.44 -22.26 17.03
N GLY A 263 -13.49 -23.57 16.83
CA GLY A 263 -14.16 -24.15 15.68
C GLY A 263 -13.39 -24.05 14.38
N LYS A 264 -14.07 -24.31 13.27
CA LYS A 264 -13.45 -24.29 11.95
C LYS A 264 -14.26 -23.41 10.99
N VAL A 265 -13.67 -23.09 9.84
CA VAL A 265 -14.36 -22.27 8.86
C VAL A 265 -14.00 -22.67 7.42
N LYS A 266 -15.02 -22.79 6.58
CA LYS A 266 -14.84 -23.10 5.17
C LYS A 266 -15.49 -22.01 4.33
N PRO A 267 -15.10 -21.89 3.04
CA PRO A 267 -15.77 -20.95 2.14
C PRO A 267 -17.29 -21.18 2.06
N ASN A 268 -18.03 -20.12 1.75
CA ASN A 268 -19.49 -20.18 1.61
C ASN A 268 -20.23 -20.61 2.88
N GLN A 269 -19.54 -20.56 4.01
CA GLN A 269 -20.16 -20.88 5.29
C GLN A 269 -21.04 -19.74 5.76
N GLN A 270 -22.22 -20.08 6.28
CA GLN A 270 -23.10 -19.06 6.85
C GLN A 270 -22.61 -18.70 8.24
N VAL A 271 -22.67 -17.42 8.58
CA VAL A 271 -22.04 -16.95 9.81
C VAL A 271 -22.66 -15.65 10.33
N THR A 272 -22.49 -15.39 11.62
CA THR A 272 -23.06 -14.21 12.26
C THR A 272 -21.98 -13.36 12.92
N ILE A 273 -22.01 -12.05 12.66
CA ILE A 273 -21.01 -11.14 13.19
C ILE A 273 -21.59 -10.29 14.31
N ILE A 274 -20.95 -10.34 15.48
CA ILE A 274 -21.40 -9.56 16.63
C ILE A 274 -20.31 -8.61 17.11
N ASP A 275 -20.63 -7.32 17.21
CA ASP A 275 -19.67 -6.32 17.64
C ASP A 275 -19.60 -6.22 19.16
N SER A 276 -18.78 -5.29 19.65
CA SER A 276 -18.53 -5.15 21.08
C SER A 276 -19.72 -4.77 21.96
N GLU A 277 -20.68 -4.06 21.39
CA GLU A 277 -21.88 -3.65 22.13
C GLU A 277 -22.97 -4.71 22.22
N GLY A 278 -23.08 -5.49 21.14
CA GLY A 278 -24.07 -6.56 21.08
C GLY A 278 -24.86 -6.70 19.79
N LYS A 279 -24.68 -5.75 18.88
CA LYS A 279 -25.34 -5.79 17.59
C LYS A 279 -24.94 -7.03 16.79
N THR A 280 -25.85 -7.51 15.96
CA THR A 280 -25.58 -8.69 15.14
C THR A 280 -26.01 -8.50 13.69
N ARG A 281 -25.30 -9.15 12.79
CA ARG A 281 -25.68 -9.20 11.39
C ARG A 281 -25.21 -10.51 10.77
N ASN A 282 -26.01 -11.04 9.85
CA ASN A 282 -25.69 -12.31 9.20
C ASN A 282 -24.95 -12.08 7.88
N ALA A 283 -24.01 -12.97 7.59
CA ALA A 283 -23.24 -12.89 6.36
C ALA A 283 -22.72 -14.27 5.97
N LYS A 284 -22.31 -14.40 4.71
CA LYS A 284 -21.70 -15.63 4.23
C LYS A 284 -20.26 -15.38 3.84
N VAL A 285 -19.33 -16.08 4.50
CA VAL A 285 -17.92 -15.93 4.18
C VAL A 285 -17.68 -16.35 2.73
N GLY A 286 -16.86 -15.58 2.03
CA GLY A 286 -16.57 -15.87 0.64
C GLY A 286 -15.37 -16.79 0.53
N LYS A 287 -14.20 -16.27 0.88
CA LYS A 287 -12.97 -17.03 0.78
C LYS A 287 -12.22 -17.05 2.11
N VAL A 288 -11.67 -18.20 2.45
CA VAL A 288 -10.87 -18.32 3.66
C VAL A 288 -9.39 -18.39 3.30
N LEU A 289 -8.67 -17.31 3.57
CA LEU A 289 -7.27 -17.19 3.19
C LEU A 289 -6.32 -17.60 4.30
N GLY A 290 -5.61 -18.71 4.09
CA GLY A 290 -4.59 -19.13 5.02
C GLY A 290 -3.27 -18.49 4.67
N HIS A 291 -2.35 -18.43 5.62
CA HIS A 291 -1.04 -17.86 5.38
C HIS A 291 -0.02 -18.95 5.06
N LEU A 292 0.83 -18.68 4.08
CA LEU A 292 1.87 -19.61 3.68
C LEU A 292 3.00 -18.83 3.02
N GLY A 293 4.08 -18.60 3.77
CA GLY A 293 5.14 -17.73 3.31
C GLY A 293 4.77 -16.28 3.61
N LEU A 294 4.96 -15.41 2.63
CA LEU A 294 4.56 -14.01 2.77
C LEU A 294 3.23 -13.78 2.09
N GLU A 295 2.58 -14.88 1.69
CA GLU A 295 1.39 -14.79 0.84
C GLU A 295 0.13 -15.33 1.52
N ARG A 296 -1.00 -15.10 0.86
CA ARG A 296 -2.28 -15.64 1.30
C ARG A 296 -2.90 -16.46 0.17
N ILE A 297 -3.15 -17.74 0.43
CA ILE A 297 -3.76 -18.60 -0.57
C ILE A 297 -5.15 -19.02 -0.11
N GLU A 298 -6.05 -19.25 -1.07
CA GLU A 298 -7.39 -19.71 -0.75
C GLU A 298 -7.34 -21.12 -0.16
N THR A 299 -7.94 -21.28 1.01
CA THR A 299 -7.99 -22.58 1.67
C THR A 299 -9.43 -23.04 1.80
N ASP A 300 -9.65 -24.35 1.67
CA ASP A 300 -10.99 -24.90 1.82
C ASP A 300 -11.37 -25.05 3.28
N LEU A 301 -10.37 -25.05 4.16
CA LEU A 301 -10.63 -25.24 5.59
C LEU A 301 -9.60 -24.58 6.48
N ALA A 302 -10.08 -23.80 7.45
CA ALA A 302 -9.24 -23.24 8.49
C ALA A 302 -9.88 -23.48 9.84
N GLU A 303 -9.10 -23.95 10.81
CA GLU A 303 -9.63 -24.30 12.11
C GLU A 303 -8.94 -23.54 13.25
N ALA A 304 -9.35 -23.82 14.47
CA ALA A 304 -8.88 -23.08 15.65
C ALA A 304 -7.36 -23.06 15.77
N GLY A 305 -6.82 -21.89 16.10
CA GLY A 305 -5.38 -21.72 16.21
C GLY A 305 -4.79 -21.06 14.97
N ASP A 306 -5.41 -21.32 13.83
CA ASP A 306 -4.94 -20.76 12.56
C ASP A 306 -5.12 -19.25 12.50
N ILE A 307 -4.06 -18.55 12.09
CA ILE A 307 -4.17 -17.13 11.80
C ILE A 307 -4.50 -16.97 10.33
N VAL A 308 -5.75 -16.60 10.05
CA VAL A 308 -6.23 -16.56 8.67
C VAL A 308 -6.87 -15.24 8.31
N ALA A 309 -7.20 -15.10 7.03
CA ALA A 309 -7.87 -13.90 6.52
C ALA A 309 -9.19 -14.28 5.86
N ILE A 310 -10.26 -13.59 6.24
CA ILE A 310 -11.59 -13.90 5.70
C ILE A 310 -12.06 -12.82 4.74
N THR A 311 -12.87 -13.22 3.76
CA THR A 311 -13.33 -12.33 2.70
C THR A 311 -14.84 -12.39 2.53
N GLY A 312 -15.45 -11.24 2.26
CA GLY A 312 -16.86 -11.20 1.90
C GLY A 312 -17.80 -11.16 3.08
N LEU A 313 -17.31 -10.67 4.21
CA LEU A 313 -18.16 -10.52 5.40
C LEU A 313 -18.60 -9.07 5.55
N GLY A 314 -18.46 -8.29 4.48
CA GLY A 314 -18.84 -6.89 4.50
C GLY A 314 -17.78 -6.02 5.15
N GLU A 315 -18.19 -4.89 5.70
CA GLU A 315 -17.26 -3.98 6.38
C GLU A 315 -17.01 -4.42 7.81
N LEU A 316 -16.08 -5.36 7.98
CA LEU A 316 -15.70 -5.81 9.30
C LEU A 316 -15.02 -4.70 10.08
N ASN A 317 -15.36 -4.59 11.37
CA ASN A 317 -14.68 -3.66 12.25
C ASN A 317 -13.84 -4.42 13.25
N ILE A 318 -12.74 -3.82 13.71
CA ILE A 318 -11.88 -4.47 14.68
C ILE A 318 -12.65 -4.70 15.98
N SER A 319 -12.42 -5.88 16.58
CA SER A 319 -13.11 -6.37 17.79
C SER A 319 -14.48 -6.96 17.48
N ASP A 320 -14.85 -7.00 16.21
CA ASP A 320 -16.03 -7.77 15.81
C ASP A 320 -15.72 -9.25 15.99
N THR A 321 -16.70 -10.01 16.45
CA THR A 321 -16.49 -11.44 16.64
C THR A 321 -17.34 -12.23 15.66
N VAL A 322 -16.68 -13.02 14.82
CA VAL A 322 -17.36 -13.83 13.82
C VAL A 322 -17.71 -15.20 14.40
N CYS A 323 -18.99 -15.47 14.55
CA CYS A 323 -19.44 -16.70 15.21
C CYS A 323 -20.43 -17.48 14.36
N ASP A 324 -20.46 -18.80 14.58
CA ASP A 324 -21.47 -19.66 13.98
C ASP A 324 -22.87 -19.08 14.20
N THR A 325 -23.75 -19.25 13.22
CA THR A 325 -25.08 -18.64 13.25
C THR A 325 -25.84 -18.95 14.54
N GLN A 326 -25.58 -20.12 15.10
CA GLN A 326 -25.99 -20.42 16.46
C GLN A 326 -24.76 -20.42 17.36
N ASN A 327 -24.97 -20.23 18.66
CA ASN A 327 -23.88 -20.01 19.61
C ASN A 327 -23.10 -18.75 19.26
N VAL A 328 -23.81 -17.64 19.12
CA VAL A 328 -23.18 -16.35 18.86
C VAL A 328 -22.60 -15.79 20.15
N GLU A 329 -21.28 -15.84 20.28
CA GLU A 329 -20.59 -15.40 21.48
C GLU A 329 -19.48 -14.41 21.16
N ALA A 330 -19.70 -13.15 21.50
CA ALA A 330 -18.71 -12.11 21.23
C ALA A 330 -17.50 -12.24 22.16
N LEU A 331 -16.32 -12.26 21.56
CA LEU A 331 -15.08 -12.23 22.33
C LEU A 331 -14.91 -10.83 22.91
N PRO A 332 -14.41 -10.75 24.16
CA PRO A 332 -14.36 -9.48 24.89
C PRO A 332 -13.49 -8.42 24.21
N ALA A 333 -13.98 -7.18 24.19
CA ALA A 333 -13.17 -6.06 23.77
C ALA A 333 -11.94 -6.00 24.67
N LEU A 334 -10.77 -5.91 24.05
CA LEU A 334 -9.52 -6.20 24.75
C LEU A 334 -8.92 -5.02 25.52
N SER A 335 -8.28 -4.10 24.80
CA SER A 335 -7.43 -3.11 25.43
C SER A 335 -8.02 -1.71 25.52
N VAL A 336 -7.46 -0.92 26.43
CA VAL A 336 -7.67 0.52 26.46
C VAL A 336 -6.62 1.17 27.36
N ASP A 337 -5.81 2.03 26.78
CA ASP A 337 -4.80 2.75 27.55
C ASP A 337 -5.43 3.95 28.23
N GLU A 338 -5.73 3.81 29.53
CA GLU A 338 -6.33 4.88 30.30
C GLU A 338 -5.44 6.12 30.29
N PRO A 339 -6.00 7.27 29.87
CA PRO A 339 -5.24 8.53 29.87
C PRO A 339 -4.86 8.95 31.28
N THR A 340 -3.68 9.56 31.43
CA THR A 340 -3.18 9.93 32.74
C THR A 340 -2.86 11.41 32.84
N VAL A 341 -2.82 12.09 31.70
CA VAL A 341 -2.51 13.52 31.66
C VAL A 341 -3.56 14.30 30.88
N SER A 342 -4.26 15.19 31.58
CA SER A 342 -5.28 16.01 30.95
C SER A 342 -4.73 17.38 30.57
N MET A 343 -5.32 17.99 29.55
CA MET A 343 -4.88 19.30 29.09
C MET A 343 -5.99 19.98 28.28
N PHE A 344 -6.13 21.30 28.45
CA PHE A 344 -7.19 22.04 27.79
C PHE A 344 -6.78 22.61 26.45
N PHE A 345 -7.58 22.34 25.42
CA PHE A 345 -7.40 22.96 24.11
C PHE A 345 -8.47 24.01 23.89
N CYS A 346 -8.07 25.27 23.74
CA CYS A 346 -9.02 26.37 23.64
C CYS A 346 -8.81 27.18 22.37
N VAL A 347 -9.83 27.94 21.99
CA VAL A 347 -9.70 28.86 20.86
C VAL A 347 -8.80 30.01 21.25
N ASN A 348 -8.17 30.65 20.26
CA ASN A 348 -7.26 31.76 20.54
C ASN A 348 -8.04 33.04 20.85
N THR A 349 -8.39 33.21 22.12
CA THR A 349 -9.13 34.38 22.59
C THR A 349 -8.32 35.66 22.35
N SER A 350 -7.00 35.50 22.34
CA SER A 350 -6.06 36.59 22.08
C SER A 350 -6.48 37.51 20.93
N PRO A 351 -6.17 38.82 21.06
CA PRO A 351 -6.43 39.81 20.01
C PRO A 351 -5.82 39.44 18.66
N PHE A 352 -4.83 38.54 18.68
CA PHE A 352 -4.29 37.98 17.45
C PHE A 352 -5.08 36.74 17.07
N CYS A 353 -6.37 36.92 16.80
CA CYS A 353 -7.27 35.81 16.58
C CYS A 353 -6.98 35.05 15.30
N GLY A 354 -6.77 35.77 14.21
CA GLY A 354 -6.51 35.16 12.92
C GLY A 354 -5.30 35.73 12.21
N LYS A 355 -4.23 35.98 12.98
CA LYS A 355 -3.01 36.54 12.43
C LYS A 355 -2.32 35.56 11.49
N GLU A 356 -1.71 34.53 12.06
CA GLU A 356 -1.04 33.50 11.26
C GLU A 356 -1.87 32.22 11.26
N GLY A 357 -2.71 32.06 12.28
CA GLY A 357 -3.61 30.92 12.35
C GLY A 357 -4.58 30.94 11.19
N LYS A 358 -4.50 29.91 10.35
CA LYS A 358 -5.25 29.87 9.11
C LYS A 358 -6.76 29.95 9.33
N PHE A 359 -7.31 28.99 10.07
CA PHE A 359 -8.74 28.96 10.33
C PHE A 359 -9.13 28.09 11.51
N VAL A 360 -9.70 28.70 12.54
CA VAL A 360 -10.23 27.99 13.69
C VAL A 360 -11.38 28.76 14.34
N THR A 361 -12.52 28.09 14.50
CA THR A 361 -13.59 28.61 15.35
C THR A 361 -13.83 27.58 16.46
N SER A 362 -14.90 27.77 17.23
CA SER A 362 -15.15 26.92 18.40
C SER A 362 -15.30 25.44 18.03
N ARG A 363 -16.39 25.12 17.34
CA ARG A 363 -16.68 23.73 17.00
C ARG A 363 -16.02 23.29 15.69
N GLN A 364 -14.85 23.87 15.39
CA GLN A 364 -14.10 23.50 14.19
C GLN A 364 -13.03 22.48 14.53
N ILE A 365 -12.04 22.90 15.32
CA ILE A 365 -10.97 22.01 15.76
C ILE A 365 -11.53 20.94 16.69
N LEU A 366 -12.74 21.17 17.18
CA LEU A 366 -13.46 20.19 17.98
C LEU A 366 -13.60 18.86 17.24
N ASP A 367 -13.91 18.93 15.96
CA ASP A 367 -14.08 17.73 15.14
C ASP A 367 -12.73 17.12 14.79
N ARG A 368 -11.67 17.93 14.85
CA ARG A 368 -10.31 17.41 14.74
C ARG A 368 -9.99 16.66 16.02
N LEU A 369 -10.61 17.08 17.12
CA LEU A 369 -10.53 16.36 18.37
C LEU A 369 -11.55 15.22 18.39
N ASN A 370 -12.13 14.96 17.22
CA ASN A 370 -12.98 13.79 17.02
C ASN A 370 -12.48 12.99 15.82
N LYS A 371 -11.30 13.37 15.35
CA LYS A 371 -10.65 12.71 14.22
C LYS A 371 -9.42 11.94 14.70
N GLU A 372 -8.74 12.51 15.69
CA GLU A 372 -7.58 11.87 16.30
C GLU A 372 -8.02 10.86 17.34
N LEU A 373 -9.34 10.73 17.50
CA LEU A 373 -9.94 9.86 18.51
C LEU A 373 -9.83 8.37 18.22
N VAL A 374 -9.47 8.03 16.98
CA VAL A 374 -9.37 6.62 16.60
C VAL A 374 -7.95 6.27 16.18
N HIS A 375 -7.14 7.28 15.90
CA HIS A 375 -5.72 7.08 15.65
C HIS A 375 -5.06 6.80 16.98
N ASN A 376 -5.88 6.91 18.03
CA ASN A 376 -5.44 6.74 19.39
C ASN A 376 -6.66 6.56 20.27
N VAL A 377 -6.57 5.57 21.16
CA VAL A 377 -7.61 5.35 22.14
C VAL A 377 -7.04 5.51 23.54
N ALA A 378 -5.79 5.99 23.62
CA ALA A 378 -5.20 6.37 24.90
C ALA A 378 -5.65 7.79 25.26
N LEU A 379 -6.27 8.48 24.31
CA LEU A 379 -6.77 9.83 24.51
C LEU A 379 -8.28 9.88 24.63
N ARG A 380 -8.76 10.85 25.40
CA ARG A 380 -10.19 11.15 25.49
C ARG A 380 -10.41 12.59 25.12
N VAL A 381 -11.64 12.94 24.78
CA VAL A 381 -12.03 14.32 24.54
C VAL A 381 -13.38 14.57 25.19
N GLU A 382 -13.42 15.56 26.07
CA GLU A 382 -14.66 15.88 26.78
C GLU A 382 -15.08 17.32 26.56
N GLU A 383 -16.35 17.61 26.83
CA GLU A 383 -16.89 18.95 26.67
C GLU A 383 -16.80 19.74 27.97
N THR A 384 -16.22 20.93 27.89
CA THR A 384 -16.15 21.82 29.04
C THR A 384 -17.35 22.78 29.01
N GLU A 385 -17.59 23.46 30.13
CA GLU A 385 -18.66 24.45 30.20
C GLU A 385 -18.34 25.60 29.25
N ASP A 386 -17.06 25.95 29.18
CA ASP A 386 -16.58 26.87 28.16
C ASP A 386 -16.74 26.20 26.80
N ALA A 387 -17.62 26.76 25.98
CA ALA A 387 -17.91 26.17 24.67
C ALA A 387 -16.78 26.41 23.67
N ASP A 388 -15.75 27.11 24.12
CA ASP A 388 -14.60 27.40 23.27
C ASP A 388 -13.33 26.74 23.80
N ALA A 389 -13.49 25.83 24.74
CA ALA A 389 -12.36 25.09 25.32
C ALA A 389 -12.76 23.64 25.56
N PHE A 390 -11.80 22.73 25.44
CA PHE A 390 -12.10 21.31 25.57
C PHE A 390 -11.05 20.54 26.38
N ARG A 391 -11.54 19.56 27.15
CA ARG A 391 -10.70 18.77 28.03
C ARG A 391 -10.22 17.48 27.36
N VAL A 392 -9.02 17.54 26.80
CA VAL A 392 -8.44 16.38 26.12
C VAL A 392 -7.33 15.76 26.97
N SER A 393 -7.42 14.45 27.18
CA SER A 393 -6.45 13.73 28.00
C SER A 393 -5.61 12.78 27.15
N GLY A 394 -4.54 12.24 27.72
CA GLY A 394 -3.68 11.33 26.98
C GLY A 394 -2.74 10.53 27.86
N ARG A 395 -1.84 9.78 27.23
CA ARG A 395 -0.86 8.97 27.95
C ARG A 395 0.09 9.83 28.76
N GLY A 396 1.04 10.46 28.08
CA GLY A 396 1.99 11.35 28.72
C GLY A 396 1.85 12.76 28.18
N GLU A 397 2.72 13.65 28.65
CA GLU A 397 2.72 15.03 28.16
C GLU A 397 3.26 15.09 26.73
N LEU A 398 4.15 14.15 26.41
CA LEU A 398 4.79 14.09 25.10
C LEU A 398 3.79 13.65 24.06
N HIS A 399 2.76 12.94 24.54
CA HIS A 399 1.69 12.47 23.71
C HIS A 399 0.84 13.62 23.20
N LEU A 400 0.41 14.48 24.12
CA LEU A 400 -0.41 15.64 23.77
C LEU A 400 0.43 16.72 23.12
N SER A 401 1.73 16.71 23.38
CA SER A 401 2.64 17.72 22.86
C SER A 401 2.76 17.67 21.34
N VAL A 402 3.19 16.52 20.82
CA VAL A 402 3.41 16.37 19.39
C VAL A 402 2.12 16.44 18.59
N LEU A 403 0.99 16.24 19.26
CA LEU A 403 -0.32 16.40 18.64
C LEU A 403 -0.47 17.84 18.18
N ILE A 404 -0.07 18.77 19.04
CA ILE A 404 -0.11 20.18 18.71
C ILE A 404 0.94 20.53 17.65
N GLU A 405 2.10 19.91 17.71
CA GLU A 405 3.26 20.32 16.91
C GLU A 405 3.01 20.37 15.39
N ASN A 406 2.28 19.40 14.84
CA ASN A 406 1.73 19.55 13.50
C ASN A 406 0.20 19.56 13.48
N MET A 407 -0.40 19.94 14.60
CA MET A 407 -1.72 20.55 14.53
C MET A 407 -1.40 21.97 14.13
N ARG A 408 -0.19 22.38 14.52
CA ARG A 408 0.39 23.65 14.09
C ARG A 408 0.74 23.63 12.60
N ARG A 409 1.41 22.57 12.15
CA ARG A 409 1.77 22.44 10.74
C ARG A 409 0.52 22.15 9.91
N GLU A 410 -0.54 21.73 10.59
CA GLU A 410 -1.84 21.54 9.94
C GLU A 410 -2.52 22.88 9.70
N GLY A 411 -1.96 23.93 10.31
CA GLY A 411 -2.47 25.27 10.13
C GLY A 411 -3.56 25.63 11.13
N PHE A 412 -3.28 25.43 12.41
CA PHE A 412 -4.24 25.73 13.46
C PHE A 412 -3.75 26.82 14.40
N GLU A 413 -4.66 27.40 15.17
CA GLU A 413 -4.31 28.36 16.20
C GLU A 413 -5.15 28.12 17.44
N LEU A 414 -4.50 27.77 18.55
CA LEU A 414 -5.23 27.43 19.77
C LEU A 414 -4.52 27.89 21.04
N ALA A 415 -5.30 28.05 22.10
CA ALA A 415 -4.76 28.34 23.42
C ALA A 415 -4.80 27.09 24.27
N VAL A 416 -3.69 26.77 24.94
CA VAL A 416 -3.58 25.53 25.69
C VAL A 416 -3.05 25.76 27.10
N SER A 417 -3.70 25.15 28.09
CA SER A 417 -3.28 25.27 29.48
C SER A 417 -2.05 24.40 29.76
N ARG A 418 -1.68 24.29 31.03
CA ARG A 418 -0.59 23.40 31.42
C ARG A 418 -1.16 22.02 31.72
N PRO A 419 -0.36 20.98 31.47
CA PRO A 419 -0.86 19.60 31.65
C PRO A 419 -0.98 19.21 33.12
N LYS A 420 -2.12 18.63 33.48
CA LYS A 420 -2.34 18.16 34.84
C LYS A 420 -2.67 16.67 34.83
N VAL A 421 -2.24 15.98 35.88
CA VAL A 421 -2.51 14.55 36.00
C VAL A 421 -3.97 14.30 36.32
N ILE A 422 -4.52 13.23 35.76
CA ILE A 422 -5.88 12.84 36.05
C ILE A 422 -5.92 12.03 37.34
N PHE A 423 -6.55 12.60 38.37
CA PHE A 423 -6.70 11.90 39.64
C PHE A 423 -7.85 10.91 39.57
N ARG A 424 -7.77 9.87 40.38
CA ARG A 424 -8.82 8.86 40.45
C ARG A 424 -9.06 8.42 41.88
N GLU A 425 -10.32 8.38 42.28
CA GLU A 425 -10.70 7.94 43.61
C GLU A 425 -11.04 6.46 43.63
N ILE A 426 -10.21 5.67 44.30
CA ILE A 426 -10.43 4.23 44.41
C ILE A 426 -10.48 3.81 45.88
N ASP A 427 -11.63 3.26 46.27
CA ASP A 427 -11.87 2.78 47.64
C ASP A 427 -11.76 3.91 48.67
N GLY A 428 -12.29 5.09 48.32
CA GLY A 428 -12.31 6.21 49.24
C GLY A 428 -11.01 6.98 49.26
N ARG A 429 -9.93 6.33 48.85
CA ARG A 429 -8.61 6.96 48.81
C ARG A 429 -8.29 7.47 47.41
N LYS A 430 -8.05 8.77 47.30
CA LYS A 430 -7.68 9.37 46.03
C LYS A 430 -6.31 8.85 45.58
N GLN A 431 -6.17 8.61 44.28
CA GLN A 431 -4.93 8.05 43.75
C GLN A 431 -4.46 8.77 42.49
N GLU A 432 -3.14 8.87 42.34
CA GLU A 432 -2.53 9.54 41.20
C GLU A 432 -1.61 8.59 40.44
N PRO A 433 -1.33 8.88 39.16
CA PRO A 433 -0.46 7.99 38.38
C PRO A 433 1.02 8.12 38.69
N TYR A 434 1.64 7.03 39.11
CA TYR A 434 3.09 6.96 39.27
C TYR A 434 3.68 6.30 38.04
N GLU A 435 4.93 6.63 37.71
CA GLU A 435 5.58 6.04 36.55
C GLU A 435 7.08 5.83 36.76
N ASN A 436 7.64 4.85 36.05
CA ASN A 436 9.05 4.52 36.17
C ASN A 436 9.92 5.38 35.26
N VAL A 437 10.98 5.95 35.81
CA VAL A 437 11.87 6.81 35.05
C VAL A 437 13.31 6.32 35.11
N THR A 438 13.92 6.15 33.94
CA THR A 438 15.32 5.81 33.84
C THR A 438 16.09 6.98 33.24
N LEU A 439 17.17 7.39 33.91
CA LEU A 439 17.95 8.53 33.46
C LEU A 439 19.40 8.16 33.22
N ASP A 440 19.95 8.61 32.10
CA ASP A 440 21.36 8.37 31.79
C ASP A 440 22.10 9.70 31.70
N VAL A 441 22.84 10.03 32.76
CA VAL A 441 23.56 11.30 32.82
C VAL A 441 25.05 11.09 33.05
N GLU A 442 25.81 12.16 32.88
CA GLU A 442 27.22 12.15 33.24
C GLU A 442 27.34 12.29 34.75
N GLU A 443 28.41 11.74 35.32
CA GLU A 443 28.59 11.72 36.78
C GLU A 443 28.75 13.12 37.36
N GLN A 444 29.01 14.10 36.50
CA GLN A 444 29.11 15.48 36.95
C GLN A 444 27.73 16.10 37.15
N HIS A 445 26.70 15.35 36.78
CA HIS A 445 25.33 15.83 36.89
C HIS A 445 24.49 14.96 37.83
N GLN A 446 25.04 13.82 38.22
CA GLN A 446 24.27 12.84 38.98
C GLN A 446 23.88 13.35 40.36
N GLY A 447 24.71 14.20 40.94
CA GLY A 447 24.40 14.78 42.24
C GLY A 447 23.32 15.84 42.09
N SER A 448 23.30 16.48 40.93
CA SER A 448 22.35 17.56 40.66
C SER A 448 20.97 17.02 40.31
N VAL A 449 20.92 16.05 39.40
CA VAL A 449 19.66 15.50 38.94
C VAL A 449 18.97 14.65 40.00
N MET A 450 19.73 14.19 40.99
CA MET A 450 19.17 13.38 42.07
C MET A 450 18.34 14.24 43.02
N GLN A 451 18.91 15.33 43.49
CA GLN A 451 18.21 16.22 44.42
C GLN A 451 17.01 16.88 43.74
N ALA A 452 17.12 17.07 42.43
CA ALA A 452 16.04 17.68 41.66
C ALA A 452 14.81 16.78 41.65
N LEU A 453 15.01 15.50 41.37
CA LEU A 453 13.92 14.52 41.38
C LEU A 453 13.38 14.33 42.79
N GLY A 454 14.26 14.45 43.78
CA GLY A 454 13.86 14.34 45.17
C GLY A 454 12.89 15.43 45.57
N GLU A 455 13.08 16.63 45.00
CA GLU A 455 12.17 17.74 45.22
C GLU A 455 10.87 17.51 44.48
N ARG A 456 10.93 16.68 43.43
CA ARG A 456 9.76 16.35 42.64
C ARG A 456 9.11 15.06 43.13
N LYS A 457 9.32 14.76 44.41
CA LYS A 457 8.75 13.58 45.05
C LYS A 457 9.15 12.29 44.34
N GLY A 458 10.42 12.21 43.93
CA GLY A 458 10.93 11.03 43.27
C GLY A 458 11.62 10.10 44.25
N ASP A 459 11.28 8.82 44.18
CA ASP A 459 11.88 7.82 45.07
C ASP A 459 12.92 6.99 44.34
N LEU A 460 14.18 7.11 44.78
CA LEU A 460 15.28 6.41 44.15
C LEU A 460 15.19 4.90 44.37
N LYS A 461 15.44 4.13 43.32
CA LYS A 461 15.31 2.68 43.39
C LYS A 461 16.59 1.95 43.00
N ASN A 462 17.33 2.52 42.06
CA ASN A 462 18.55 1.90 41.56
C ASN A 462 19.47 2.87 40.84
N MET A 463 20.78 2.64 40.96
CA MET A 463 21.76 3.42 40.21
C MET A 463 22.88 2.49 39.72
N ASN A 464 23.38 2.77 38.51
CA ASN A 464 24.39 1.91 37.90
C ASN A 464 25.40 2.71 37.09
N PRO A 465 26.57 2.99 37.68
CA PRO A 465 27.67 3.70 37.01
C PRO A 465 28.09 3.02 35.71
N ASP A 466 28.38 3.81 34.69
CA ASP A 466 28.75 3.29 33.38
C ASP A 466 30.16 2.70 33.41
N GLY A 467 31.01 3.26 34.25
CA GLY A 467 32.41 2.86 34.30
C GLY A 467 33.24 3.70 33.36
N LYS A 468 32.57 4.48 32.54
CA LYS A 468 33.23 5.32 31.55
C LYS A 468 32.86 6.79 31.72
N GLY A 469 32.27 7.12 32.86
CA GLY A 469 31.97 8.50 33.18
C GLY A 469 30.49 8.81 33.31
N ARG A 470 29.63 7.89 32.87
CA ARG A 470 28.19 8.09 32.96
C ARG A 470 27.57 7.21 34.04
N VAL A 471 26.26 7.29 34.17
CA VAL A 471 25.54 6.53 35.19
C VAL A 471 24.04 6.48 34.87
N ARG A 472 23.43 5.32 35.08
CA ARG A 472 22.00 5.17 34.86
C ARG A 472 21.24 5.12 36.19
N LEU A 473 20.27 6.03 36.34
CA LEU A 473 19.48 6.11 37.56
C LEU A 473 18.06 5.62 37.32
N ASP A 474 17.45 5.02 38.34
CA ASP A 474 16.08 4.54 38.24
C ASP A 474 15.23 5.13 39.36
N TYR A 475 14.02 5.57 39.01
CA TYR A 475 13.16 6.25 39.97
C TYR A 475 11.69 5.85 39.86
N VAL A 476 11.02 5.80 41.00
CA VAL A 476 9.57 5.70 41.04
C VAL A 476 9.01 7.06 41.43
N ILE A 477 8.31 7.70 40.50
CA ILE A 477 7.86 9.07 40.70
C ILE A 477 6.44 9.25 40.19
N PRO A 478 5.62 10.01 40.93
CA PRO A 478 4.30 10.37 40.42
C PRO A 478 4.41 11.23 39.17
N SER A 479 3.51 11.03 38.20
CA SER A 479 3.51 11.80 36.97
C SER A 479 3.45 13.29 37.26
N ARG A 480 2.77 13.63 38.36
CA ARG A 480 2.62 15.00 38.82
C ARG A 480 3.95 15.74 38.95
N GLY A 481 4.93 15.05 39.53
CA GLY A 481 6.24 15.65 39.74
C GLY A 481 7.16 15.57 38.54
N LEU A 482 6.82 14.71 37.59
CA LEU A 482 7.66 14.50 36.41
C LEU A 482 7.31 15.46 35.28
N ILE A 483 6.13 16.05 35.36
CA ILE A 483 5.65 16.95 34.30
C ILE A 483 6.55 18.17 34.12
N GLY A 484 7.02 18.36 32.90
CA GLY A 484 7.82 19.52 32.55
C GLY A 484 9.26 19.44 33.04
N PHE A 485 9.67 18.26 33.49
CA PHE A 485 11.02 18.08 34.01
C PHE A 485 12.04 17.91 32.89
N ARG A 486 11.58 17.43 31.74
CA ARG A 486 12.45 17.19 30.60
C ARG A 486 13.15 18.49 30.15
N SER A 487 12.43 19.59 30.24
CA SER A 487 12.99 20.90 29.89
C SER A 487 14.13 21.27 30.83
N GLU A 488 13.85 21.22 32.13
CA GLU A 488 14.86 21.51 33.15
C GLU A 488 16.03 20.55 33.04
N PHE A 489 15.71 19.27 32.86
CA PHE A 489 16.70 18.20 32.81
C PHE A 489 17.80 18.44 31.78
N MET A 490 17.40 18.75 30.54
CA MET A 490 18.34 18.89 29.43
C MET A 490 19.38 19.99 29.67
N THR A 491 18.92 21.20 29.98
CA THR A 491 19.83 22.31 30.22
C THR A 491 20.65 22.08 31.48
N MET A 492 20.09 21.30 32.40
CA MET A 492 20.76 20.94 33.65
C MET A 492 21.93 19.99 33.38
N THR A 493 21.72 19.05 32.47
CA THR A 493 22.75 18.09 32.11
C THR A 493 23.50 18.52 30.85
N SER A 494 23.35 19.79 30.49
CA SER A 494 23.99 20.38 29.32
C SER A 494 23.56 19.69 28.02
N GLY A 495 22.42 19.01 28.06
CA GLY A 495 21.85 18.39 26.87
C GLY A 495 22.45 17.05 26.48
N THR A 496 23.31 16.51 27.32
CA THR A 496 23.95 15.22 27.03
C THR A 496 23.23 14.08 27.72
N GLY A 497 22.46 14.40 28.75
CA GLY A 497 21.74 13.39 29.51
C GLY A 497 20.50 12.91 28.78
N LEU A 498 20.07 11.70 29.11
CA LEU A 498 18.89 11.12 28.48
C LEU A 498 17.88 10.66 29.52
N LEU A 499 16.61 10.68 29.14
CA LEU A 499 15.52 10.34 30.06
C LEU A 499 14.42 9.55 29.36
N TYR A 500 13.93 8.51 30.03
CA TYR A 500 12.83 7.72 29.50
C TYR A 500 11.83 7.41 30.61
N SER A 501 10.55 7.34 30.25
CA SER A 501 9.51 7.13 31.24
C SER A 501 8.49 6.08 30.80
N THR A 502 7.86 5.44 31.78
CA THR A 502 6.86 4.42 31.52
C THR A 502 5.85 4.35 32.67
N PHE A 503 4.56 4.48 32.33
CA PHE A 503 3.50 4.40 33.34
C PHE A 503 3.54 3.06 34.06
N SER A 504 3.43 3.11 35.38
CA SER A 504 3.50 1.91 36.20
C SER A 504 2.13 1.56 36.79
N HIS A 505 1.67 2.38 37.73
CA HIS A 505 0.44 2.09 38.45
C HIS A 505 -0.11 3.31 39.18
N TYR A 506 -1.39 3.26 39.51
CA TYR A 506 -2.01 4.26 40.38
C TYR A 506 -1.86 3.84 41.83
N ASP A 507 -1.39 4.77 42.66
CA ASP A 507 -1.22 4.50 44.08
C ASP A 507 -1.65 5.74 44.87
N ASP A 508 -1.75 5.60 46.20
CA ASP A 508 -2.18 6.69 47.06
C ASP A 508 -1.32 7.94 46.85
N VAL A 509 -2.00 9.07 46.70
CA VAL A 509 -1.33 10.33 46.36
C VAL A 509 -0.29 10.73 47.41
N ARG A 510 0.85 11.25 46.94
CA ARG A 510 1.87 11.75 47.84
C ARG A 510 1.45 13.12 48.38
N PRO A 511 1.36 13.24 49.71
CA PRO A 511 0.95 14.50 50.34
C PRO A 511 1.88 15.64 50.00
N GLY A 512 1.33 16.72 49.47
CA GLY A 512 2.13 17.88 49.11
C GLY A 512 1.96 18.29 47.67
N GLU A 513 2.67 19.33 47.26
CA GLU A 513 2.61 19.83 45.89
C GLU A 513 4.01 20.00 45.33
N VAL A 514 4.10 20.03 44.00
CA VAL A 514 5.37 20.30 43.34
C VAL A 514 5.65 21.81 43.39
N GLY A 515 6.91 22.17 43.61
CA GLY A 515 7.31 23.55 43.68
C GLY A 515 6.90 24.36 42.47
N GLN A 516 6.32 25.52 42.70
CA GLN A 516 5.83 26.36 41.61
C GLN A 516 6.97 27.17 40.97
N ARG A 517 6.62 28.01 40.00
CA ARG A 517 7.61 28.67 39.16
C ARG A 517 8.57 29.60 39.90
N GLN A 518 8.22 29.95 41.13
CA GLN A 518 9.00 30.87 41.96
C GLN A 518 9.07 32.28 41.37
N ASN A 519 9.62 32.39 40.16
CA ASN A 519 9.71 33.69 39.49
C ASN A 519 8.37 34.19 38.98
N GLY A 520 8.24 35.51 38.87
CA GLY A 520 7.07 36.12 38.28
C GLY A 520 7.29 36.37 36.81
N VAL A 521 6.34 37.05 36.16
CA VAL A 521 6.43 37.30 34.73
C VAL A 521 6.23 38.77 34.39
N LEU A 522 6.93 39.23 33.35
CA LEU A 522 6.73 40.57 32.84
C LEU A 522 5.59 40.58 31.84
N ILE A 523 4.50 41.25 32.22
CA ILE A 523 3.30 41.28 31.38
C ILE A 523 3.16 42.63 30.68
N SER A 524 2.90 42.60 29.38
CA SER A 524 2.72 43.82 28.60
C SER A 524 1.37 44.46 28.93
N ASN A 525 1.35 45.79 28.99
CA ASN A 525 0.15 46.52 29.37
C ASN A 525 -0.64 47.00 28.16
N GLY A 526 -0.03 46.96 26.98
CA GLY A 526 -0.67 47.46 25.78
C GLY A 526 -0.22 46.74 24.52
N GLN A 527 -0.77 47.16 23.39
CA GLN A 527 -0.47 46.55 22.11
C GLN A 527 0.33 47.49 21.22
N GLY A 528 1.41 46.98 20.65
CA GLY A 528 2.29 47.78 19.79
C GLY A 528 3.62 47.10 19.59
N LYS A 529 4.54 47.82 18.92
CA LYS A 529 5.86 47.26 18.64
C LYS A 529 6.84 47.55 19.77
N ALA A 530 7.58 46.53 20.17
CA ALA A 530 8.56 46.66 21.24
C ALA A 530 9.76 47.49 20.78
N VAL A 531 10.11 48.50 21.56
CA VAL A 531 11.22 49.38 21.20
C VAL A 531 12.47 49.05 22.02
N ALA A 532 13.63 49.23 21.40
CA ALA A 532 14.91 48.91 22.02
C ALA A 532 15.18 49.79 23.24
N PHE A 533 14.63 50.99 23.23
CA PHE A 533 14.83 51.95 24.32
C PHE A 533 14.22 51.45 25.62
N ALA A 534 13.08 50.77 25.51
CA ALA A 534 12.38 50.26 26.67
C ALA A 534 12.95 48.92 27.14
N LEU A 535 13.20 48.04 26.18
CA LEU A 535 13.70 46.69 26.48
C LEU A 535 15.03 46.72 27.21
N PHE A 536 15.85 47.72 26.91
CA PHE A 536 17.14 47.89 27.58
C PHE A 536 16.95 48.24 29.05
N GLY A 537 15.84 48.88 29.38
CA GLY A 537 15.56 49.25 30.74
C GLY A 537 14.92 48.11 31.49
N LEU A 538 14.36 47.16 30.74
CA LEU A 538 13.69 46.02 31.36
C LEU A 538 14.67 44.95 31.83
N GLN A 539 15.96 45.10 31.51
CA GLN A 539 16.90 44.01 31.78
C GLN A 539 17.28 44.26 33.23
N ASP A 540 16.91 45.45 33.73
CA ASP A 540 17.11 45.85 35.13
C ASP A 540 16.24 45.02 36.05
N ARG A 541 15.27 44.33 35.47
CA ARG A 541 14.35 43.51 36.25
C ARG A 541 14.07 42.17 35.58
N GLY A 542 15.13 41.52 35.08
CA GLY A 542 15.00 40.18 34.53
C GLY A 542 15.35 40.03 33.06
N LYS A 543 15.11 38.83 32.54
CA LYS A 543 15.38 38.53 31.13
C LYS A 543 14.09 38.52 30.33
N LEU A 544 14.19 38.84 29.03
CA LEU A 544 13.02 38.97 28.18
C LEU A 544 12.99 37.94 27.06
N PHE A 545 11.93 37.98 26.25
CA PHE A 545 11.69 36.96 25.24
C PHE A 545 11.81 37.45 23.80
N LEU A 546 12.08 38.75 23.62
CA LEU A 546 12.18 39.31 22.28
C LEU A 546 13.05 40.56 22.21
N GLY A 547 13.33 40.99 20.99
CA GLY A 547 14.13 42.19 20.76
C GLY A 547 13.36 43.29 20.08
N HIS A 548 14.08 44.23 19.48
CA HIS A 548 13.48 45.39 18.84
C HIS A 548 12.64 45.03 17.62
N GLY A 549 11.43 45.56 17.56
CA GLY A 549 10.59 45.41 16.39
C GLY A 549 9.45 44.42 16.53
N ALA A 550 9.52 43.57 17.56
CA ALA A 550 8.52 42.52 17.76
C ALA A 550 7.15 43.09 18.10
N GLU A 551 6.10 42.48 17.56
CA GLU A 551 4.73 42.92 17.80
C GLU A 551 4.12 42.22 19.01
N VAL A 552 3.62 43.01 19.96
CA VAL A 552 3.09 42.49 21.22
C VAL A 552 1.70 43.08 21.50
N TYR A 553 0.89 42.37 22.27
CA TYR A 553 -0.40 42.89 22.72
C TYR A 553 -0.49 42.89 24.24
N GLU A 554 -1.62 43.34 24.78
CA GLU A 554 -1.82 43.43 26.23
C GLU A 554 -2.22 42.08 26.82
N GLY A 555 -1.53 41.69 27.89
CA GLY A 555 -1.78 40.41 28.54
C GLY A 555 -0.69 39.42 28.20
N GLN A 556 -0.01 39.67 27.08
CA GLN A 556 1.09 38.83 26.64
C GLN A 556 2.30 38.96 27.57
N ILE A 557 2.87 37.83 27.95
CA ILE A 557 4.07 37.82 28.79
C ILE A 557 5.31 37.97 27.92
N ILE A 558 6.17 38.93 28.27
CA ILE A 558 7.30 39.26 27.42
C ILE A 558 8.65 38.89 28.04
N GLY A 559 8.65 38.50 29.32
CA GLY A 559 9.89 38.17 29.99
C GLY A 559 9.74 37.52 31.34
N ILE A 560 10.87 37.18 31.96
CA ILE A 560 10.89 36.56 33.27
C ILE A 560 11.35 37.55 34.33
N HIS A 561 10.47 37.83 35.29
CA HIS A 561 10.76 38.78 36.36
C HIS A 561 11.85 38.23 37.27
N SER A 562 12.76 39.12 37.71
CA SER A 562 13.80 38.73 38.63
C SER A 562 13.21 38.41 40.00
N ARG A 563 12.09 39.05 40.31
CA ARG A 563 11.39 38.81 41.58
C ARG A 563 10.34 37.72 41.42
N SER A 564 9.51 37.55 42.46
CA SER A 564 8.54 36.47 42.47
C SER A 564 7.17 36.90 41.96
N ASN A 565 6.85 38.18 42.10
CA ASN A 565 5.54 38.69 41.71
C ASN A 565 5.46 39.04 40.23
N ASP A 566 4.24 39.06 39.70
CA ASP A 566 4.01 39.47 38.32
C ASP A 566 4.09 40.99 38.21
N LEU A 567 4.80 41.47 37.19
CA LEU A 567 4.98 42.90 37.00
C LEU A 567 4.46 43.35 35.64
N THR A 568 3.44 44.19 35.65
CA THR A 568 2.89 44.75 34.42
C THR A 568 3.76 45.90 33.91
N VAL A 569 4.42 45.67 32.78
CA VAL A 569 5.35 46.64 32.22
C VAL A 569 4.97 47.00 30.78
N ASN A 570 5.36 48.19 30.33
CA ASN A 570 5.21 48.54 28.93
C ASN A 570 6.57 48.56 28.23
N CYS A 571 6.59 48.05 27.01
CA CYS A 571 7.81 48.03 26.21
C CYS A 571 7.59 48.82 24.93
N LEU A 572 6.74 49.83 25.01
CA LEU A 572 6.31 50.58 23.83
C LEU A 572 6.95 51.96 23.76
N THR A 573 7.02 52.65 24.90
CA THR A 573 7.58 53.99 24.96
C THR A 573 9.07 53.99 24.69
N VAL A 590 22.97 48.07 22.75
CA VAL A 590 21.78 47.38 22.25
C VAL A 590 21.51 46.14 23.09
N LEU A 591 20.36 45.51 22.86
CA LEU A 591 19.83 44.44 23.73
C LEU A 591 20.75 43.23 23.91
N VAL A 592 20.46 42.46 24.95
CA VAL A 592 21.08 41.15 25.14
C VAL A 592 20.24 40.12 24.37
N PRO A 593 20.86 38.99 24.00
CA PRO A 593 20.15 37.95 23.24
C PRO A 593 18.85 37.49 23.90
N PRO A 594 17.73 37.58 23.16
CA PRO A 594 16.40 37.19 23.65
C PRO A 594 16.31 35.71 23.98
N ILE A 595 15.34 35.35 24.83
CA ILE A 595 15.11 33.95 25.19
C ILE A 595 14.04 33.33 24.31
N ARG A 596 14.45 32.42 23.43
CA ARG A 596 13.50 31.70 22.59
C ARG A 596 13.14 30.37 23.25
N MET A 597 11.84 30.10 23.34
CA MET A 597 11.36 28.88 23.97
C MET A 597 10.65 27.96 22.98
N THR A 598 11.03 26.69 22.98
CA THR A 598 10.32 25.69 22.19
C THR A 598 8.98 25.41 22.85
N LEU A 599 8.13 24.65 22.17
CA LEU A 599 6.78 24.39 22.66
C LEU A 599 6.79 23.74 24.05
N GLU A 600 7.54 22.65 24.19
CA GLU A 600 7.62 21.95 25.46
C GLU A 600 8.35 22.78 26.52
N GLN A 601 9.36 23.51 26.09
CA GLN A 601 10.14 24.35 26.99
C GLN A 601 9.28 25.47 27.58
N ALA A 602 8.43 26.05 26.75
CA ALA A 602 7.51 27.08 27.20
C ALA A 602 6.38 26.47 28.01
N LEU A 603 5.85 25.34 27.54
CA LEU A 603 4.71 24.70 28.18
C LEU A 603 5.02 24.22 29.60
N GLU A 604 6.30 24.11 29.92
CA GLU A 604 6.72 23.72 31.27
C GLU A 604 6.90 24.95 32.15
N PHE A 605 6.87 26.12 31.53
CA PHE A 605 7.06 27.39 32.22
C PHE A 605 5.73 27.96 32.69
N ILE A 606 4.64 27.39 32.19
CA ILE A 606 3.31 27.96 32.36
C ILE A 606 2.69 27.65 33.72
N ASP A 607 2.12 28.67 34.34
CA ASP A 607 1.41 28.51 35.60
C ASP A 607 -0.08 28.34 35.33
N ASP A 608 -0.84 27.96 36.36
CA ASP A 608 -2.24 27.61 36.19
C ASP A 608 -3.11 28.77 35.70
N ASP A 609 -2.61 30.00 35.84
CA ASP A 609 -3.36 31.17 35.43
C ASP A 609 -2.87 31.71 34.08
N GLU A 610 -2.26 30.83 33.29
CA GLU A 610 -1.70 31.23 31.99
C GLU A 610 -2.00 30.21 30.90
N LEU A 611 -1.81 30.63 29.64
CA LEU A 611 -2.12 29.78 28.49
C LEU A 611 -1.10 29.98 27.37
N VAL A 612 -0.69 28.90 26.72
CA VAL A 612 0.18 29.00 25.55
C VAL A 612 -0.64 29.20 24.28
N GLU A 613 -0.23 30.16 23.46
CA GLU A 613 -0.91 30.42 22.19
C GLU A 613 -0.05 29.91 21.04
N VAL A 614 -0.56 28.91 20.33
CA VAL A 614 0.21 28.25 19.28
C VAL A 614 -0.29 28.60 17.89
N THR A 615 0.64 28.98 17.01
CA THR A 615 0.32 29.33 15.63
C THR A 615 1.40 28.77 14.70
N PRO A 616 1.02 28.33 13.48
CA PRO A 616 1.84 27.52 12.57
C PRO A 616 3.30 27.94 12.37
N THR A 617 3.68 29.15 12.74
CA THR A 617 5.06 29.58 12.52
C THR A 617 5.85 29.72 13.83
N SER A 618 5.16 30.08 14.92
CA SER A 618 5.79 30.26 16.22
C SER A 618 4.76 30.53 17.30
N ILE A 619 4.92 29.86 18.44
CA ILE A 619 4.00 30.04 19.56
C ILE A 619 4.45 31.17 20.48
N ARG A 620 3.48 31.84 21.10
CA ARG A 620 3.76 32.93 22.03
C ARG A 620 3.13 32.63 23.39
N ILE A 621 3.33 33.52 24.35
CA ILE A 621 2.83 33.27 25.71
C ILE A 621 2.04 34.45 26.28
N ARG A 622 1.03 34.14 27.08
CA ARG A 622 0.12 35.15 27.60
C ARG A 622 -0.51 34.75 28.94
N LYS A 623 -1.19 35.69 29.57
CA LYS A 623 -1.96 35.43 30.78
C LYS A 623 -3.37 34.97 30.42
N ARG A 624 -4.06 34.33 31.36
CA ARG A 624 -5.45 33.92 31.16
C ARG A 624 -6.34 35.16 31.05
N HIS A 625 -6.22 36.04 32.04
CA HIS A 625 -6.90 37.32 32.03
C HIS A 625 -5.95 38.38 31.49
N LEU A 626 -6.33 39.01 30.37
CA LEU A 626 -5.43 39.87 29.63
C LEU A 626 -5.18 41.24 30.28
N THR A 627 -6.15 41.75 31.03
CA THR A 627 -5.99 43.05 31.65
C THR A 627 -5.58 42.93 33.11
N GLU A 628 -4.90 43.95 33.62
CA GLU A 628 -4.47 43.96 35.01
C GLU A 628 -5.65 44.10 35.96
N ASN A 629 -6.75 44.64 35.44
CA ASN A 629 -7.96 44.82 36.22
C ASN A 629 -8.64 43.49 36.53
N ASP A 630 -8.66 42.59 35.55
CA ASP A 630 -9.29 41.29 35.71
C ASP A 630 -8.46 40.37 36.61
N ARG A 631 -7.14 40.49 36.51
CA ARG A 631 -6.23 39.65 37.29
C ARG A 631 -6.32 39.95 38.78
N ARG A 632 -6.49 41.23 39.12
CA ARG A 632 -6.60 41.65 40.51
C ARG A 632 -7.86 41.09 41.16
N ARG A 633 -8.91 40.96 40.35
CA ARG A 633 -10.18 40.41 40.83
C ARG A 633 -10.04 38.94 41.20
N ALA A 634 -9.22 38.22 40.44
CA ALA A 634 -9.01 36.80 40.68
C ALA A 634 -7.86 36.58 41.66
N ASN A 635 -7.88 37.29 42.77
CA ASN A 635 -6.85 37.17 43.80
C ASN A 635 -7.33 37.69 45.15
N MET B 35 -19.31 29.96 -15.17
CA MET B 35 -18.90 29.96 -13.77
C MET B 35 -18.58 28.55 -13.29
N ILE B 36 -17.53 28.45 -12.47
CA ILE B 36 -17.05 27.18 -11.93
C ILE B 36 -16.74 26.17 -13.01
N GLU B 37 -16.33 26.66 -14.18
CA GLU B 37 -16.06 25.79 -15.31
C GLU B 37 -14.70 26.06 -15.93
N LYS B 38 -13.70 26.30 -15.08
CA LYS B 38 -12.32 26.34 -15.54
C LYS B 38 -11.61 25.11 -15.00
N LEU B 39 -12.36 24.03 -14.89
CA LEU B 39 -11.83 22.73 -14.52
C LEU B 39 -11.13 22.09 -15.73
N ARG B 40 -10.09 21.33 -15.47
CA ARG B 40 -9.41 20.57 -16.53
C ARG B 40 -9.07 19.17 -16.03
N ASN B 41 -9.96 18.22 -16.31
CA ASN B 41 -9.72 16.83 -15.97
C ASN B 41 -8.97 16.12 -17.07
N ILE B 42 -7.68 15.90 -16.86
CA ILE B 42 -6.83 15.30 -17.89
C ILE B 42 -6.09 14.08 -17.35
N ALA B 43 -6.01 13.04 -18.18
CA ALA B 43 -5.23 11.85 -17.84
C ALA B 43 -3.83 11.99 -18.41
N ILE B 44 -2.86 11.32 -17.78
CA ILE B 44 -1.48 11.40 -18.26
C ILE B 44 -0.94 10.02 -18.62
N ILE B 45 -0.36 9.92 -19.82
CA ILE B 45 0.24 8.68 -20.28
C ILE B 45 1.72 8.88 -20.58
N ALA B 46 2.55 7.96 -20.08
CA ALA B 46 3.96 7.95 -20.39
C ALA B 46 4.52 6.56 -20.17
N HIS B 47 5.49 6.18 -20.99
CA HIS B 47 6.17 4.91 -20.80
C HIS B 47 6.99 4.98 -19.52
N VAL B 48 7.41 3.82 -19.02
CA VAL B 48 8.29 3.76 -17.86
C VAL B 48 9.54 4.58 -18.12
N ASP B 49 9.74 5.60 -17.28
CA ASP B 49 10.93 6.46 -17.32
C ASP B 49 10.97 7.39 -18.53
N HIS B 50 9.85 8.07 -18.80
CA HIS B 50 9.81 9.11 -19.82
C HIS B 50 9.60 10.48 -19.19
N GLY B 51 9.60 10.52 -17.86
CA GLY B 51 9.50 11.77 -17.12
C GLY B 51 8.08 12.25 -16.87
N LYS B 52 7.23 11.37 -16.35
CA LYS B 52 5.85 11.74 -16.06
C LYS B 52 5.69 12.17 -14.61
N THR B 53 6.50 11.61 -13.72
CA THR B 53 6.47 12.00 -12.32
C THR B 53 7.14 13.36 -12.14
N THR B 54 8.28 13.54 -12.80
CA THR B 54 9.03 14.78 -12.74
C THR B 54 8.24 15.95 -13.30
N LEU B 55 7.61 15.73 -14.46
CA LEU B 55 6.84 16.77 -15.14
C LEU B 55 5.69 17.29 -14.29
N VAL B 56 4.88 16.36 -13.77
CA VAL B 56 3.76 16.71 -12.91
C VAL B 56 4.24 17.42 -11.65
N ASP B 57 5.39 16.99 -11.14
CA ASP B 57 5.98 17.59 -9.95
C ASP B 57 6.36 19.04 -10.19
N LYS B 58 6.94 19.33 -11.36
CA LYS B 58 7.32 20.69 -11.71
C LYS B 58 6.10 21.58 -11.91
N LEU B 59 5.02 20.99 -12.41
CA LEU B 59 3.77 21.72 -12.60
C LEU B 59 3.13 22.05 -11.25
N LEU B 60 3.46 21.24 -10.24
CA LEU B 60 2.99 21.47 -8.89
C LEU B 60 3.80 22.59 -8.26
N GLN B 61 5.10 22.58 -8.53
CA GLN B 61 6.04 23.55 -7.99
C GLN B 61 5.72 24.97 -8.45
N GLN B 62 5.34 25.10 -9.72
CA GLN B 62 5.22 26.40 -10.37
C GLN B 62 3.78 26.88 -10.44
N SER B 63 3.01 26.59 -9.39
CA SER B 63 1.60 26.91 -9.36
C SER B 63 1.21 27.59 -8.05
N GLY B 64 -0.08 27.86 -7.88
CA GLY B 64 -0.57 28.49 -6.67
C GLY B 64 -0.82 27.50 -5.56
N THR B 65 -0.78 26.22 -5.91
CA THR B 65 -1.02 25.15 -4.92
C THR B 65 0.29 24.71 -4.29
N ILE B 90 7.09 8.03 -5.98
CA ILE B 90 5.94 7.52 -6.70
C ILE B 90 4.81 8.55 -6.71
N LEU B 91 4.11 8.64 -7.83
CA LEU B 91 3.06 9.64 -8.01
C LEU B 91 1.68 9.12 -7.58
N ALA B 92 0.86 10.02 -7.06
CA ALA B 92 -0.48 9.66 -6.59
C ALA B 92 -1.43 9.39 -7.76
N LYS B 93 -2.58 8.79 -7.44
CA LYS B 93 -3.59 8.48 -8.46
C LYS B 93 -4.09 9.73 -9.16
N ASN B 94 -4.17 10.82 -8.42
CA ASN B 94 -4.61 12.09 -8.98
C ASN B 94 -3.89 13.28 -8.33
N THR B 95 -3.41 14.20 -9.16
CA THR B 95 -2.73 15.39 -8.69
C THR B 95 -3.50 16.65 -9.07
N ALA B 96 -4.01 17.35 -8.07
CA ALA B 96 -4.73 18.60 -8.30
C ALA B 96 -3.76 19.77 -8.36
N ILE B 97 -3.98 20.67 -9.31
CA ILE B 97 -3.10 21.82 -9.50
C ILE B 97 -3.90 23.09 -9.72
N LYS B 98 -3.52 24.16 -9.05
CA LYS B 98 -4.23 25.43 -9.15
C LYS B 98 -3.37 26.50 -9.83
N TRP B 99 -3.39 26.50 -11.17
CA TRP B 99 -2.70 27.51 -11.96
C TRP B 99 -3.65 28.64 -12.27
N ASN B 100 -3.32 29.85 -11.82
CA ASN B 100 -4.24 30.98 -11.84
C ASN B 100 -5.52 30.62 -11.12
N ASP B 101 -6.66 30.76 -11.81
CA ASP B 101 -7.94 30.39 -11.23
C ASP B 101 -8.48 29.13 -11.90
N TYR B 102 -7.58 28.37 -12.51
CA TYR B 102 -7.92 27.09 -13.13
C TYR B 102 -7.61 25.94 -12.19
N ARG B 103 -8.47 24.93 -12.19
CA ARG B 103 -8.20 23.69 -11.45
C ARG B 103 -7.85 22.58 -12.45
N ILE B 104 -6.62 22.09 -12.38
CA ILE B 104 -6.20 21.02 -13.28
C ILE B 104 -6.02 19.71 -12.54
N ASN B 105 -6.85 18.73 -12.89
CA ASN B 105 -6.72 17.38 -12.34
C ASN B 105 -5.93 16.47 -13.26
N ILE B 106 -4.78 16.02 -12.78
CA ILE B 106 -3.93 15.11 -13.55
C ILE B 106 -4.09 13.68 -13.04
N VAL B 107 -4.97 12.93 -13.70
CA VAL B 107 -5.24 11.55 -13.32
C VAL B 107 -4.20 10.61 -13.93
N ASP B 108 -3.57 9.79 -13.09
CA ASP B 108 -2.51 8.90 -13.55
C ASP B 108 -3.08 7.65 -14.21
N THR B 109 -2.30 7.09 -15.14
CA THR B 109 -2.68 5.85 -15.82
C THR B 109 -1.78 4.71 -15.33
N PRO B 110 -2.35 3.49 -15.24
CA PRO B 110 -1.62 2.32 -14.72
C PRO B 110 -0.45 1.90 -15.60
N GLY B 111 0.32 0.92 -15.12
CA GLY B 111 1.40 0.36 -15.91
C GLY B 111 0.86 -0.37 -17.12
N HIS B 112 1.73 -0.70 -18.07
CA HIS B 112 1.28 -1.26 -19.34
C HIS B 112 0.77 -2.70 -19.21
N ALA B 113 -0.19 -2.90 -18.31
CA ALA B 113 -0.89 -4.16 -18.18
C ALA B 113 -2.35 -3.88 -17.84
N ASP B 114 -3.25 -4.76 -18.26
CA ASP B 114 -4.66 -4.57 -17.94
C ASP B 114 -4.89 -4.81 -16.46
N PHE B 115 -4.90 -3.74 -15.67
CA PHE B 115 -5.04 -3.85 -14.23
C PHE B 115 -6.50 -4.13 -13.83
N GLY B 116 -7.33 -4.50 -14.80
CA GLY B 116 -8.71 -4.82 -14.54
C GLY B 116 -9.68 -3.92 -15.30
N GLY B 117 -9.15 -3.16 -16.25
CA GLY B 117 -9.94 -2.20 -16.99
C GLY B 117 -9.95 -0.87 -16.28
N GLU B 118 -8.93 -0.64 -15.46
CA GLU B 118 -8.79 0.61 -14.73
C GLU B 118 -8.51 1.77 -15.68
N VAL B 119 -7.93 1.45 -16.83
CA VAL B 119 -7.62 2.45 -17.84
C VAL B 119 -8.88 3.13 -18.35
N GLU B 120 -9.85 2.33 -18.80
CA GLU B 120 -11.09 2.86 -19.35
C GLU B 120 -11.94 3.53 -18.26
N ARG B 121 -11.66 3.22 -17.00
CA ARG B 121 -12.30 3.89 -15.88
C ARG B 121 -11.71 5.29 -15.73
N VAL B 122 -10.39 5.38 -15.90
CA VAL B 122 -9.69 6.66 -15.85
C VAL B 122 -10.15 7.58 -16.98
N MET B 123 -10.32 7.00 -18.17
CA MET B 123 -10.74 7.76 -19.33
C MET B 123 -12.18 8.27 -19.19
N SER B 124 -12.95 7.60 -18.34
CA SER B 124 -14.36 7.97 -18.14
C SER B 124 -14.49 9.20 -17.24
N MET B 125 -13.40 9.57 -16.58
CA MET B 125 -13.41 10.73 -15.69
C MET B 125 -12.76 11.95 -16.33
N VAL B 126 -11.85 11.71 -17.27
CA VAL B 126 -11.13 12.80 -17.90
C VAL B 126 -11.74 13.19 -19.24
N ASP B 127 -11.42 14.39 -19.70
CA ASP B 127 -11.97 14.90 -20.96
C ASP B 127 -10.86 15.05 -22.00
N SER B 128 -9.64 14.74 -21.60
CA SER B 128 -8.49 14.76 -22.50
C SER B 128 -7.35 13.94 -21.91
N VAL B 129 -6.27 13.78 -22.66
CA VAL B 129 -5.16 12.97 -22.19
C VAL B 129 -3.80 13.63 -22.48
N LEU B 130 -2.84 13.41 -21.59
CA LEU B 130 -1.51 14.00 -21.71
C LEU B 130 -0.46 12.93 -21.99
N LEU B 131 -0.01 12.85 -23.23
CA LEU B 131 0.99 11.86 -23.61
C LEU B 131 2.41 12.42 -23.51
N VAL B 132 3.17 11.94 -22.53
CA VAL B 132 4.55 12.38 -22.34
C VAL B 132 5.50 11.44 -23.06
N VAL B 133 6.35 12.01 -23.91
CA VAL B 133 7.25 11.22 -24.74
C VAL B 133 8.69 11.70 -24.65
N ASP B 134 9.62 10.76 -24.49
CA ASP B 134 11.05 11.06 -24.46
C ASP B 134 11.51 11.66 -25.79
N ALA B 135 12.44 12.60 -25.73
CA ALA B 135 12.88 13.34 -26.90
C ALA B 135 13.77 12.53 -27.84
N PHE B 136 14.28 11.39 -27.36
CA PHE B 136 15.17 10.58 -28.17
C PHE B 136 14.54 9.24 -28.56
N ASP B 137 14.16 8.45 -27.56
CA ASP B 137 13.59 7.13 -27.80
C ASP B 137 12.25 7.21 -28.52
N GLY B 138 11.52 8.31 -28.31
CA GLY B 138 10.20 8.47 -28.89
C GLY B 138 9.19 7.61 -28.15
N PRO B 139 7.99 7.48 -28.71
CA PRO B 139 6.92 6.69 -28.08
C PRO B 139 7.21 5.19 -28.10
N MET B 140 7.16 4.58 -26.92
CA MET B 140 7.36 3.14 -26.80
C MET B 140 6.04 2.42 -27.08
N PRO B 141 6.09 1.29 -27.79
CA PRO B 141 4.90 0.50 -28.16
C PRO B 141 4.12 -0.05 -26.96
N GLN B 142 4.61 0.16 -25.74
CA GLN B 142 3.94 -0.35 -24.55
C GLN B 142 2.77 0.54 -24.12
N THR B 143 2.82 1.81 -24.50
CA THR B 143 1.74 2.75 -24.18
C THR B 143 0.69 2.76 -25.28
N ARG B 144 0.71 1.72 -26.11
CA ARG B 144 -0.21 1.58 -27.23
C ARG B 144 -1.66 1.58 -26.78
N PHE B 145 -2.02 0.56 -26.00
CA PHE B 145 -3.41 0.29 -25.64
C PHE B 145 -4.01 1.37 -24.74
N VAL B 146 -3.16 2.00 -23.93
CA VAL B 146 -3.62 3.09 -23.08
C VAL B 146 -4.00 4.28 -23.95
N THR B 147 -3.25 4.49 -25.02
CA THR B 147 -3.54 5.53 -25.98
C THR B 147 -4.78 5.15 -26.80
N LYS B 148 -4.88 3.87 -27.12
CA LYS B 148 -5.97 3.35 -27.94
C LYS B 148 -7.33 3.53 -27.27
N LYS B 149 -7.40 3.23 -25.97
CA LYS B 149 -8.64 3.37 -25.22
C LYS B 149 -9.00 4.84 -25.04
N ALA B 150 -7.99 5.70 -24.98
CA ALA B 150 -8.21 7.13 -24.86
C ALA B 150 -8.91 7.66 -26.10
N PHE B 151 -8.48 7.19 -27.27
CA PHE B 151 -9.10 7.57 -28.52
C PHE B 151 -10.49 6.96 -28.63
N ALA B 152 -10.68 5.82 -27.98
CA ALA B 152 -11.97 5.13 -28.00
C ALA B 152 -13.03 5.93 -27.25
N TYR B 153 -12.59 6.71 -26.26
CA TYR B 153 -13.49 7.55 -25.50
C TYR B 153 -13.55 8.95 -26.09
N GLY B 154 -13.04 9.09 -27.32
CA GLY B 154 -13.11 10.34 -28.06
C GLY B 154 -12.30 11.48 -27.47
N LEU B 155 -11.17 11.14 -26.85
CA LEU B 155 -10.32 12.15 -26.22
C LEU B 155 -9.27 12.68 -27.19
N LYS B 156 -9.18 14.01 -27.29
CA LYS B 156 -8.14 14.66 -28.08
C LYS B 156 -6.90 14.86 -27.22
N PRO B 157 -5.75 14.32 -27.66
CA PRO B 157 -4.53 14.26 -26.86
C PRO B 157 -3.69 15.54 -26.85
N ILE B 158 -2.92 15.71 -25.79
CA ILE B 158 -1.93 16.77 -25.69
C ILE B 158 -0.55 16.14 -25.55
N VAL B 159 0.26 16.19 -26.61
CA VAL B 159 1.54 15.49 -26.61
C VAL B 159 2.69 16.35 -26.06
N VAL B 160 3.34 15.84 -25.02
CA VAL B 160 4.48 16.51 -24.42
C VAL B 160 5.78 15.77 -24.73
N ILE B 161 6.71 16.47 -25.37
CA ILE B 161 8.02 15.90 -25.66
C ILE B 161 9.08 16.54 -24.77
N ASN B 162 9.35 15.92 -23.63
CA ASN B 162 10.31 16.47 -22.69
C ASN B 162 11.68 15.79 -22.82
N LYS B 163 12.58 16.10 -21.90
CA LYS B 163 13.97 15.67 -21.96
C LYS B 163 14.61 16.14 -23.27
N VAL B 164 14.20 17.33 -23.71
CA VAL B 164 14.69 17.89 -24.96
C VAL B 164 16.11 18.44 -24.78
N ASP B 165 16.56 18.51 -23.54
CA ASP B 165 17.88 19.04 -23.23
C ASP B 165 18.97 17.98 -23.33
N ARG B 166 18.57 16.72 -23.41
CA ARG B 166 19.54 15.62 -23.48
C ARG B 166 20.26 15.63 -24.83
N PRO B 167 21.55 15.28 -24.83
CA PRO B 167 22.34 15.22 -26.06
C PRO B 167 21.87 14.12 -27.01
N GLY B 168 21.63 14.48 -28.26
CA GLY B 168 21.18 13.53 -29.26
C GLY B 168 19.67 13.51 -29.40
N ALA B 169 19.00 14.44 -28.73
CA ALA B 169 17.55 14.53 -28.79
C ALA B 169 17.08 14.86 -30.19
N ARG B 170 16.04 14.17 -30.64
CA ARG B 170 15.48 14.36 -31.98
C ARG B 170 14.00 14.71 -31.89
N PRO B 171 13.70 15.98 -31.57
CA PRO B 171 12.34 16.47 -31.31
C PRO B 171 11.37 16.25 -32.48
N ASP B 172 11.80 16.56 -33.69
CA ASP B 172 10.90 16.46 -34.84
C ASP B 172 10.91 15.06 -35.46
N TRP B 173 11.75 14.18 -34.93
CA TRP B 173 11.71 12.77 -35.34
C TRP B 173 10.65 12.04 -34.54
N VAL B 174 10.60 12.31 -33.24
CA VAL B 174 9.62 11.68 -32.37
C VAL B 174 8.22 12.24 -32.65
N VAL B 175 8.17 13.41 -33.25
CA VAL B 175 6.91 13.99 -33.70
C VAL B 175 6.31 13.10 -34.79
N ASP B 176 7.14 12.75 -35.77
CA ASP B 176 6.73 11.86 -36.84
C ASP B 176 6.30 10.52 -36.30
N GLN B 177 7.05 10.00 -35.33
CA GLN B 177 6.76 8.71 -34.72
C GLN B 177 5.40 8.71 -34.01
N VAL B 178 5.15 9.75 -33.21
CA VAL B 178 3.89 9.86 -32.48
C VAL B 178 2.71 10.03 -33.43
N PHE B 179 2.87 10.89 -34.42
CA PHE B 179 1.81 11.14 -35.40
C PHE B 179 1.48 9.87 -36.18
N ASP B 180 2.51 9.15 -36.61
CA ASP B 180 2.33 7.88 -37.31
C ASP B 180 1.70 6.84 -36.38
N LEU B 181 2.09 6.88 -35.12
CA LEU B 181 1.55 5.96 -34.12
C LEU B 181 0.05 6.13 -33.95
N PHE B 182 -0.45 7.32 -34.27
CA PHE B 182 -1.88 7.58 -34.19
C PHE B 182 -2.63 6.93 -35.35
N VAL B 183 -2.02 5.89 -35.88
CA VAL B 183 -2.64 5.00 -36.83
C VAL B 183 -3.47 4.06 -35.97
N ASN B 184 -4.11 4.65 -34.98
CA ASN B 184 -4.90 3.88 -34.04
C ASN B 184 -6.31 4.15 -34.39
N LEU B 185 -6.61 3.97 -35.64
CA LEU B 185 -7.90 4.32 -36.22
C LEU B 185 -8.41 5.64 -35.64
N ASP B 186 -7.49 6.53 -35.31
CA ASP B 186 -7.83 7.81 -34.70
C ASP B 186 -8.52 8.72 -35.70
N ALA B 187 -9.48 9.51 -35.22
CA ALA B 187 -10.20 10.45 -36.06
C ALA B 187 -9.26 11.56 -36.53
N THR B 188 -9.63 12.21 -37.62
CA THR B 188 -8.88 13.36 -38.11
C THR B 188 -8.84 14.43 -37.03
N ASP B 189 -9.98 14.61 -36.35
CA ASP B 189 -10.12 15.58 -35.29
C ASP B 189 -9.08 15.36 -34.17
N GLU B 190 -8.75 14.10 -33.93
CA GLU B 190 -7.81 13.74 -32.87
C GLU B 190 -6.36 13.87 -33.33
N GLN B 191 -6.06 13.32 -34.49
CA GLN B 191 -4.69 13.30 -34.99
C GLN B 191 -4.27 14.65 -35.56
N LEU B 192 -5.25 15.50 -35.84
CA LEU B 192 -4.96 16.87 -36.25
C LEU B 192 -5.18 17.81 -35.07
N ASP B 193 -4.41 18.89 -35.04
CA ASP B 193 -4.54 19.92 -34.03
C ASP B 193 -4.26 19.43 -32.61
N PHE B 194 -3.60 18.29 -32.48
CA PHE B 194 -3.09 17.90 -31.17
C PHE B 194 -1.83 18.73 -30.94
N PRO B 195 -1.84 19.55 -29.89
CA PRO B 195 -0.73 20.47 -29.65
C PRO B 195 0.53 19.75 -29.20
N ILE B 196 1.68 20.26 -29.61
CA ILE B 196 2.96 19.67 -29.24
C ILE B 196 3.74 20.62 -28.33
N VAL B 197 3.88 20.24 -27.07
CA VAL B 197 4.60 21.04 -26.10
C VAL B 197 5.95 20.42 -25.76
N TYR B 198 7.03 21.11 -26.11
CA TYR B 198 8.37 20.65 -25.78
C TYR B 198 8.73 21.10 -24.37
N ALA B 199 9.36 20.23 -23.60
CA ALA B 199 9.66 20.53 -22.22
C ALA B 199 11.08 20.12 -21.81
N SER B 200 11.57 20.74 -20.75
CA SER B 200 12.83 20.37 -20.12
C SER B 200 12.61 20.28 -18.62
N ALA B 201 12.16 19.10 -18.17
CA ALA B 201 11.72 18.92 -16.79
C ALA B 201 12.86 18.97 -15.77
N LEU B 202 14.10 19.05 -16.25
CA LEU B 202 15.24 19.27 -15.36
C LEU B 202 15.05 20.62 -14.67
N ASN B 203 15.04 21.68 -15.48
CA ASN B 203 14.55 22.97 -15.03
C ASN B 203 13.02 22.94 -15.07
N GLY B 204 12.39 24.10 -14.97
CA GLY B 204 10.94 24.14 -15.09
C GLY B 204 10.54 24.72 -16.43
N ILE B 205 11.25 24.33 -17.48
CA ILE B 205 11.14 25.01 -18.77
C ILE B 205 10.31 24.24 -19.80
N ALA B 206 9.42 24.96 -20.49
CA ALA B 206 8.65 24.40 -21.60
C ALA B 206 8.56 25.42 -22.74
N GLY B 207 7.91 25.01 -23.83
CA GLY B 207 7.75 25.89 -24.98
C GLY B 207 7.12 25.22 -26.19
N LEU B 208 6.52 26.02 -27.06
CA LEU B 208 5.90 25.49 -28.28
C LEU B 208 6.97 25.08 -29.29
N ASP B 209 8.15 25.67 -29.16
CA ASP B 209 9.33 25.23 -29.90
C ASP B 209 10.33 24.70 -28.89
N HIS B 210 11.41 24.08 -29.36
CA HIS B 210 12.42 23.55 -28.45
C HIS B 210 13.71 24.37 -28.54
N GLU B 211 13.87 25.08 -29.64
CA GLU B 211 14.96 26.04 -29.77
C GLU B 211 14.57 27.31 -29.03
N ASP B 212 13.32 27.70 -29.21
CA ASP B 212 12.73 28.81 -28.45
C ASP B 212 11.93 28.27 -27.28
N MET B 213 12.38 28.55 -26.06
CA MET B 213 11.72 28.06 -24.87
C MET B 213 11.41 29.18 -23.88
N ALA B 214 10.33 29.01 -23.12
CA ALA B 214 9.95 29.98 -22.11
C ALA B 214 10.80 29.81 -20.85
N GLU B 215 10.62 30.71 -19.89
CA GLU B 215 11.38 30.66 -18.65
C GLU B 215 10.74 29.73 -17.63
N ASP B 216 9.51 29.30 -17.92
CA ASP B 216 8.79 28.39 -17.02
C ASP B 216 7.83 27.46 -17.75
N MET B 217 7.02 26.74 -16.97
CA MET B 217 6.11 25.73 -17.50
C MET B 217 4.82 26.33 -18.07
N THR B 218 4.76 27.65 -18.13
CA THR B 218 3.57 28.38 -18.60
C THR B 218 3.01 27.90 -19.95
N PRO B 219 3.88 27.64 -20.95
CA PRO B 219 3.32 27.14 -22.21
C PRO B 219 2.53 25.83 -22.07
N LEU B 220 2.96 24.96 -21.16
CA LEU B 220 2.27 23.70 -20.94
C LEU B 220 0.92 23.93 -20.29
N TYR B 221 0.89 24.79 -19.26
CA TYR B 221 -0.36 25.18 -18.61
C TYR B 221 -1.35 25.71 -19.64
N GLN B 222 -0.89 26.64 -20.45
CA GLN B 222 -1.71 27.30 -21.45
C GLN B 222 -2.29 26.29 -22.44
N ALA B 223 -1.46 25.35 -22.87
CA ALA B 223 -1.89 24.32 -23.81
C ALA B 223 -2.98 23.45 -23.21
N ILE B 224 -2.85 23.14 -21.93
CA ILE B 224 -3.85 22.35 -21.22
C ILE B 224 -5.16 23.15 -21.09
N VAL B 225 -5.02 24.43 -20.77
CA VAL B 225 -6.18 25.32 -20.66
C VAL B 225 -6.87 25.50 -22.02
N ASP B 226 -6.07 25.69 -23.06
CA ASP B 226 -6.59 26.00 -24.38
C ASP B 226 -7.24 24.81 -25.10
N HIS B 227 -6.65 23.63 -24.95
CA HIS B 227 -7.07 22.49 -25.78
C HIS B 227 -7.88 21.42 -25.03
N VAL B 228 -7.86 21.45 -23.71
CA VAL B 228 -8.67 20.51 -22.94
C VAL B 228 -10.03 21.11 -22.62
N PRO B 229 -11.11 20.42 -23.03
CA PRO B 229 -12.47 20.88 -22.78
C PRO B 229 -12.85 20.84 -21.30
N ALA B 230 -13.77 21.70 -20.90
CA ALA B 230 -14.33 21.63 -19.55
C ALA B 230 -15.23 20.40 -19.46
N PRO B 231 -15.37 19.83 -18.25
CA PRO B 231 -16.23 18.66 -18.03
C PRO B 231 -17.66 18.88 -18.52
N ASP B 232 -18.16 17.95 -19.32
CA ASP B 232 -19.52 18.03 -19.85
C ASP B 232 -20.52 17.63 -18.76
N VAL B 233 -20.78 18.53 -17.83
CA VAL B 233 -21.61 18.23 -16.68
C VAL B 233 -22.64 19.33 -16.39
N ASP B 234 -23.69 18.96 -15.66
CA ASP B 234 -24.69 19.91 -15.19
C ASP B 234 -24.54 20.14 -13.69
N LEU B 235 -24.34 21.39 -13.31
CA LEU B 235 -24.05 21.72 -11.91
C LEU B 235 -25.31 21.83 -11.06
N ASP B 236 -26.42 22.20 -11.69
CA ASP B 236 -27.65 22.48 -10.94
C ASP B 236 -28.58 21.28 -10.81
N GLY B 237 -28.26 20.19 -11.51
CA GLY B 237 -29.07 18.99 -11.44
C GLY B 237 -28.96 18.30 -10.10
N PRO B 238 -29.73 17.22 -9.90
CA PRO B 238 -29.64 16.42 -8.68
C PRO B 238 -28.33 15.63 -8.64
N PHE B 239 -27.84 15.31 -7.44
CA PHE B 239 -26.55 14.66 -7.29
C PHE B 239 -26.48 13.32 -8.01
N GLN B 240 -25.41 13.12 -8.79
CA GLN B 240 -25.17 11.88 -9.50
C GLN B 240 -23.68 11.67 -9.72
N MET B 241 -23.16 10.54 -9.29
CA MET B 241 -21.73 10.26 -9.39
C MET B 241 -21.46 8.77 -9.49
N GLN B 242 -20.69 8.36 -10.49
CA GLN B 242 -20.34 6.97 -10.68
C GLN B 242 -18.94 6.67 -10.17
N ILE B 243 -18.79 5.61 -9.37
CA ILE B 243 -17.49 5.20 -8.87
C ILE B 243 -16.60 4.65 -9.99
N SER B 244 -15.40 5.20 -10.14
CA SER B 244 -14.51 4.76 -11.22
C SER B 244 -13.38 3.93 -10.66
N GLN B 245 -12.81 4.45 -9.58
CA GLN B 245 -11.82 3.76 -8.78
C GLN B 245 -12.15 3.66 -7.28
N LEU B 246 -11.61 2.63 -6.62
CA LEU B 246 -11.82 2.39 -5.18
C LEU B 246 -10.52 2.53 -4.42
N ASP B 247 -10.62 2.85 -3.13
CA ASP B 247 -9.46 2.98 -2.27
C ASP B 247 -9.88 2.56 -0.87
N TYR B 248 -8.91 2.41 0.03
CA TYR B 248 -9.23 1.99 1.39
C TYR B 248 -8.30 2.59 2.43
N ASN B 249 -8.89 2.90 3.58
CA ASN B 249 -8.14 3.34 4.75
C ASN B 249 -8.74 2.66 5.97
N SER B 250 -7.88 2.11 6.82
CA SER B 250 -8.35 1.38 8.00
C SER B 250 -8.96 2.31 9.05
N TYR B 251 -8.93 3.61 8.77
CA TYR B 251 -9.52 4.59 9.67
C TYR B 251 -10.83 5.15 9.09
N VAL B 252 -10.96 5.16 7.77
CA VAL B 252 -12.13 5.72 7.13
C VAL B 252 -12.97 4.65 6.42
N GLY B 253 -12.38 3.48 6.18
CA GLY B 253 -13.08 2.40 5.53
C GLY B 253 -12.91 2.41 4.02
N VAL B 254 -13.94 1.95 3.31
CA VAL B 254 -13.92 1.89 1.85
C VAL B 254 -14.08 3.28 1.25
N ILE B 255 -13.18 3.63 0.33
CA ILE B 255 -13.21 4.93 -0.32
C ILE B 255 -13.64 4.83 -1.77
N GLY B 256 -14.65 5.62 -2.14
CA GLY B 256 -15.14 5.65 -3.51
C GLY B 256 -14.69 6.89 -4.25
N ILE B 257 -14.07 6.69 -5.41
CA ILE B 257 -13.51 7.79 -6.18
C ILE B 257 -14.15 7.88 -7.56
N GLY B 258 -14.44 9.11 -7.99
CA GLY B 258 -15.00 9.35 -9.31
C GLY B 258 -15.11 10.82 -9.63
N ARG B 259 -15.63 11.13 -10.81
CA ARG B 259 -15.88 12.51 -11.20
C ARG B 259 -17.37 12.80 -11.17
N ILE B 260 -17.77 13.75 -10.33
CA ILE B 260 -19.18 14.09 -10.15
C ILE B 260 -19.81 14.56 -11.47
N LYS B 261 -20.80 13.81 -11.92
CA LYS B 261 -21.46 14.06 -13.20
C LYS B 261 -22.52 15.16 -13.08
N ARG B 262 -23.19 15.21 -11.94
CA ARG B 262 -24.33 16.10 -11.78
C ARG B 262 -24.54 16.48 -10.32
N GLY B 263 -24.84 17.75 -10.08
CA GLY B 263 -25.15 18.23 -8.74
C GLY B 263 -23.94 18.36 -7.82
N LYS B 264 -24.22 18.53 -6.53
CA LYS B 264 -23.17 18.70 -5.54
C LYS B 264 -23.35 17.74 -4.37
N VAL B 265 -22.33 17.63 -3.52
CA VAL B 265 -22.38 16.73 -2.38
C VAL B 265 -21.73 17.34 -1.14
N LYS B 266 -22.39 17.17 0.01
CA LYS B 266 -21.86 17.61 1.29
C LYS B 266 -21.70 16.41 2.22
N PRO B 267 -20.87 16.55 3.26
CA PRO B 267 -20.81 15.50 4.29
C PRO B 267 -22.17 15.26 4.94
N ASN B 268 -22.40 14.02 5.40
CA ASN B 268 -23.65 13.62 6.05
C ASN B 268 -24.88 13.75 5.15
N GLN B 269 -24.66 13.90 3.85
CA GLN B 269 -25.76 13.99 2.90
C GLN B 269 -26.44 12.63 2.73
N GLN B 270 -27.77 12.62 2.80
CA GLN B 270 -28.52 11.40 2.53
C GLN B 270 -28.45 11.09 1.05
N VAL B 271 -28.20 9.83 0.71
CA VAL B 271 -27.93 9.49 -0.68
C VAL B 271 -28.30 8.03 -0.97
N THR B 272 -28.49 7.72 -2.24
CA THR B 272 -28.89 6.37 -2.66
C THR B 272 -27.93 5.81 -3.72
N ILE B 273 -27.51 4.57 -3.53
CA ILE B 273 -26.56 3.93 -4.44
C ILE B 273 -27.23 2.85 -5.28
N ILE B 274 -27.11 2.96 -6.59
CA ILE B 274 -27.65 1.96 -7.50
C ILE B 274 -26.55 1.36 -8.39
N ASP B 275 -26.48 0.03 -8.43
CA ASP B 275 -25.45 -0.66 -9.19
C ASP B 275 -25.82 -0.76 -10.67
N SER B 276 -25.07 -1.52 -11.44
CA SER B 276 -25.38 -1.64 -12.84
C SER B 276 -26.72 -2.31 -13.03
N GLU B 277 -26.87 -3.48 -12.45
CA GLU B 277 -28.10 -4.23 -12.60
C GLU B 277 -29.30 -3.36 -12.33
N GLY B 278 -29.45 -2.89 -11.11
CA GLY B 278 -30.65 -2.15 -10.75
C GLY B 278 -31.04 -2.22 -9.29
N LYS B 279 -30.14 -2.74 -8.47
CA LYS B 279 -30.38 -2.83 -7.02
C LYS B 279 -30.03 -1.50 -6.35
N THR B 280 -30.80 -1.13 -5.33
CA THR B 280 -30.61 0.15 -4.66
C THR B 280 -30.50 0.01 -3.15
N ARG B 281 -29.69 0.86 -2.54
CA ARG B 281 -29.57 0.93 -1.09
C ARG B 281 -29.32 2.36 -0.65
N ASN B 282 -29.85 2.71 0.53
CA ASN B 282 -29.66 4.05 1.07
C ASN B 282 -28.44 4.13 1.97
N ALA B 283 -27.76 5.27 1.95
CA ALA B 283 -26.56 5.46 2.77
C ALA B 283 -26.35 6.94 3.05
N LYS B 284 -25.62 7.22 4.13
CA LYS B 284 -25.26 8.59 4.46
C LYS B 284 -23.75 8.77 4.31
N VAL B 285 -23.34 9.68 3.44
CA VAL B 285 -21.92 9.91 3.20
C VAL B 285 -21.26 10.43 4.47
N GLY B 286 -19.98 10.10 4.64
CA GLY B 286 -19.25 10.51 5.82
C GLY B 286 -18.35 11.69 5.52
N LYS B 287 -17.25 11.41 4.84
CA LYS B 287 -16.29 12.44 4.49
C LYS B 287 -16.21 12.63 2.98
N VAL B 288 -16.36 13.88 2.54
CA VAL B 288 -16.21 14.21 1.12
C VAL B 288 -14.79 14.75 0.89
N LEU B 289 -13.94 13.89 0.34
CA LEU B 289 -12.52 14.22 0.19
C LEU B 289 -12.18 14.75 -1.19
N GLY B 290 -11.78 16.01 -1.25
CA GLY B 290 -11.31 16.60 -2.48
C GLY B 290 -9.81 16.54 -2.56
N HIS B 291 -9.24 16.66 -3.75
CA HIS B 291 -7.80 16.62 -3.93
C HIS B 291 -7.23 18.03 -4.02
N LEU B 292 -6.08 18.23 -3.38
CA LEU B 292 -5.44 19.54 -3.38
C LEU B 292 -4.04 19.49 -3.99
N GLY B 293 -3.16 18.71 -3.37
CA GLY B 293 -1.83 18.51 -3.90
C GLY B 293 -1.64 17.08 -4.34
N LEU B 294 -0.98 16.28 -3.50
CA LEU B 294 -0.85 14.85 -3.73
C LEU B 294 -1.75 14.12 -2.74
N GLU B 295 -2.33 14.87 -1.81
CA GLU B 295 -3.15 14.30 -0.76
C GLU B 295 -4.60 14.78 -0.84
N ARG B 296 -5.46 14.16 -0.04
CA ARG B 296 -6.87 14.51 0.00
C ARG B 296 -7.23 15.22 1.29
N ILE B 297 -8.07 16.24 1.20
CA ILE B 297 -8.55 16.94 2.37
C ILE B 297 -10.08 16.88 2.43
N GLU B 298 -10.62 16.89 3.64
CA GLU B 298 -12.08 16.87 3.82
C GLU B 298 -12.68 18.19 3.37
N THR B 299 -13.66 18.11 2.47
CA THR B 299 -14.32 19.31 1.97
C THR B 299 -15.79 19.32 2.35
N ASP B 300 -16.32 20.51 2.66
CA ASP B 300 -17.71 20.65 3.04
C ASP B 300 -18.62 20.69 1.82
N LEU B 301 -18.02 20.80 0.63
CA LEU B 301 -18.78 20.86 -0.61
C LEU B 301 -17.97 20.48 -1.83
N ALA B 302 -18.46 19.48 -2.57
CA ALA B 302 -17.88 19.11 -3.86
C ALA B 302 -18.97 19.17 -4.93
N GLU B 303 -18.63 19.71 -6.10
CA GLU B 303 -19.62 19.94 -7.13
C GLU B 303 -19.36 19.13 -8.39
N ALA B 304 -20.21 19.30 -9.40
CA ALA B 304 -20.07 18.59 -10.66
C ALA B 304 -18.78 18.99 -11.37
N GLY B 305 -18.09 17.99 -11.91
CA GLY B 305 -16.81 18.22 -12.58
C GLY B 305 -15.64 17.95 -11.67
N ASP B 306 -15.87 18.05 -10.36
CA ASP B 306 -14.83 17.79 -9.38
C ASP B 306 -14.54 16.29 -9.27
N ILE B 307 -13.26 15.95 -9.18
CA ILE B 307 -12.85 14.58 -8.94
C ILE B 307 -12.57 14.40 -7.46
N VAL B 308 -13.46 13.69 -6.77
CA VAL B 308 -13.36 13.57 -5.31
C VAL B 308 -13.41 12.13 -4.83
N ALA B 309 -13.26 11.96 -3.52
CA ALA B 309 -13.35 10.66 -2.88
C ALA B 309 -14.37 10.69 -1.75
N ILE B 310 -15.26 9.70 -1.72
CA ILE B 310 -16.31 9.64 -0.72
C ILE B 310 -16.10 8.45 0.22
N THR B 311 -16.44 8.62 1.49
CA THR B 311 -16.00 7.70 2.54
C THR B 311 -17.10 6.79 3.13
N GLY B 312 -18.19 7.38 3.60
CA GLY B 312 -19.12 6.64 4.44
C GLY B 312 -20.18 5.78 3.76
N LEU B 313 -20.03 5.55 2.46
CA LEU B 313 -21.09 4.91 1.68
C LEU B 313 -21.14 3.38 1.82
N GLY B 314 -20.15 2.79 2.49
CA GLY B 314 -20.12 1.35 2.66
C GLY B 314 -19.25 0.64 1.64
N GLU B 315 -19.64 -0.57 1.24
CA GLU B 315 -18.87 -1.34 0.28
C GLU B 315 -19.25 -0.99 -1.16
N LEU B 316 -18.68 0.09 -1.66
CA LEU B 316 -18.91 0.53 -3.03
C LEU B 316 -18.25 -0.39 -4.04
N ASN B 317 -18.95 -0.64 -5.13
CA ASN B 317 -18.36 -1.37 -6.26
C ASN B 317 -18.20 -0.43 -7.43
N ILE B 318 -17.26 -0.76 -8.33
CA ILE B 318 -17.02 0.07 -9.50
C ILE B 318 -18.24 0.02 -10.42
N SER B 319 -18.58 1.19 -10.97
CA SER B 319 -19.75 1.43 -11.83
C SER B 319 -21.04 1.57 -11.02
N ASP B 320 -20.92 1.60 -9.69
CA ASP B 320 -22.06 1.98 -8.86
C ASP B 320 -22.33 3.46 -9.06
N THR B 321 -23.59 3.85 -9.01
CA THR B 321 -23.95 5.25 -9.23
C THR B 321 -24.56 5.85 -7.96
N VAL B 322 -23.89 6.86 -7.41
CA VAL B 322 -24.33 7.52 -6.19
C VAL B 322 -25.25 8.69 -6.51
N CYS B 323 -26.52 8.56 -6.16
CA CYS B 323 -27.51 9.55 -6.56
C CYS B 323 -28.31 10.11 -5.38
N ASP B 324 -28.71 11.37 -5.52
CA ASP B 324 -29.61 12.02 -4.57
C ASP B 324 -30.86 11.17 -4.38
N THR B 325 -31.37 11.14 -3.15
CA THR B 325 -32.51 10.27 -2.81
C THR B 325 -33.77 10.63 -3.59
N GLN B 326 -33.84 11.87 -4.08
CA GLN B 326 -35.02 12.35 -4.78
C GLN B 326 -34.98 12.04 -6.27
N ASN B 327 -33.80 11.78 -6.80
CA ASN B 327 -33.63 11.50 -8.23
C ASN B 327 -32.56 10.46 -8.49
N VAL B 328 -32.90 9.19 -8.32
CA VAL B 328 -31.96 8.09 -8.51
C VAL B 328 -31.90 7.67 -9.98
N GLU B 329 -30.76 7.94 -10.62
CA GLU B 329 -30.55 7.57 -12.02
C GLU B 329 -29.15 6.99 -12.22
N ALA B 330 -29.09 5.71 -12.58
CA ALA B 330 -27.81 5.04 -12.78
C ALA B 330 -27.12 5.49 -14.05
N LEU B 331 -25.82 5.78 -13.93
CA LEU B 331 -25.00 6.07 -15.11
C LEU B 331 -24.65 4.75 -15.80
N PRO B 332 -24.62 4.76 -17.14
CA PRO B 332 -24.43 3.54 -17.93
C PRO B 332 -23.07 2.87 -17.68
N ALA B 333 -23.08 1.54 -17.57
CA ALA B 333 -21.84 0.77 -17.49
C ALA B 333 -21.00 1.04 -18.73
N LEU B 334 -19.68 1.06 -18.56
CA LEU B 334 -18.81 1.63 -19.58
C LEU B 334 -18.11 0.60 -20.49
N SER B 335 -17.08 -0.06 -19.97
CA SER B 335 -16.15 -0.82 -20.80
C SER B 335 -16.67 -2.16 -21.28
N VAL B 336 -16.16 -2.59 -22.42
CA VAL B 336 -16.42 -3.92 -22.95
C VAL B 336 -15.31 -4.33 -23.92
N ASP B 337 -14.29 -5.01 -23.39
CA ASP B 337 -13.21 -5.52 -24.22
C ASP B 337 -13.57 -6.90 -24.75
N GLU B 338 -14.26 -6.92 -25.88
CA GLU B 338 -14.69 -8.17 -26.51
C GLU B 338 -13.49 -9.04 -26.89
N PRO B 339 -13.50 -10.30 -26.45
CA PRO B 339 -12.42 -11.25 -26.77
C PRO B 339 -12.42 -11.61 -28.25
N THR B 340 -11.23 -11.83 -28.81
CA THR B 340 -11.11 -12.12 -30.24
C THR B 340 -10.40 -13.45 -30.50
N VAL B 341 -9.81 -14.02 -29.44
CA VAL B 341 -9.09 -15.28 -29.58
C VAL B 341 -9.54 -16.30 -28.53
N SER B 342 -10.12 -17.40 -28.98
CA SER B 342 -10.61 -18.44 -28.08
C SER B 342 -9.63 -19.61 -28.00
N MET B 343 -9.73 -20.39 -26.93
CA MET B 343 -8.78 -21.46 -26.65
C MET B 343 -9.30 -22.40 -25.57
N PHE B 344 -9.14 -23.70 -25.77
CA PHE B 344 -9.64 -24.70 -24.83
C PHE B 344 -8.64 -25.04 -23.72
N PHE B 345 -9.11 -24.96 -22.48
CA PHE B 345 -8.33 -25.41 -21.32
C PHE B 345 -8.89 -26.72 -20.82
N CYS B 346 -8.08 -27.77 -20.85
CA CYS B 346 -8.55 -29.10 -20.46
C CYS B 346 -7.78 -29.67 -19.28
N VAL B 347 -8.28 -30.76 -18.71
CA VAL B 347 -7.51 -31.50 -17.72
C VAL B 347 -6.50 -32.37 -18.44
N ASN B 348 -5.45 -32.76 -17.74
CA ASN B 348 -4.45 -33.65 -18.33
C ASN B 348 -5.04 -35.04 -18.50
N THR B 349 -5.50 -35.36 -19.71
CA THR B 349 -6.02 -36.68 -20.02
C THR B 349 -4.88 -37.68 -20.11
N SER B 350 -3.69 -37.16 -20.38
CA SER B 350 -2.48 -37.97 -20.51
C SER B 350 -2.23 -38.88 -19.31
N PRO B 351 -1.60 -40.05 -19.56
CA PRO B 351 -1.19 -41.01 -18.53
C PRO B 351 -0.29 -40.40 -17.46
N PHE B 352 0.27 -39.23 -17.73
CA PHE B 352 1.05 -38.50 -16.74
C PHE B 352 0.14 -37.51 -16.01
N CYS B 353 -0.95 -38.01 -15.44
CA CYS B 353 -1.95 -37.16 -14.82
C CYS B 353 -1.42 -36.43 -13.59
N GLY B 354 -0.78 -37.16 -12.69
CA GLY B 354 -0.23 -36.58 -11.48
C GLY B 354 1.28 -36.74 -11.39
N LYS B 355 1.97 -36.44 -12.49
CA LYS B 355 3.42 -36.55 -12.53
C LYS B 355 4.08 -35.41 -11.76
N GLU B 356 4.01 -34.20 -12.31
CA GLU B 356 4.57 -33.03 -11.63
C GLU B 356 3.47 -32.03 -11.32
N GLY B 357 2.27 -32.28 -11.84
CA GLY B 357 1.13 -31.43 -11.57
C GLY B 357 0.68 -31.55 -10.12
N LYS B 358 0.74 -30.45 -9.39
CA LYS B 358 0.45 -30.45 -7.96
C LYS B 358 -1.04 -30.70 -7.68
N PHE B 359 -1.90 -29.92 -8.32
CA PHE B 359 -3.33 -30.02 -8.09
C PHE B 359 -4.12 -29.83 -9.38
N VAL B 360 -4.49 -30.95 -10.02
CA VAL B 360 -5.21 -30.90 -11.28
C VAL B 360 -6.54 -31.65 -11.14
N THR B 361 -7.61 -31.05 -11.65
CA THR B 361 -8.95 -31.64 -11.60
C THR B 361 -9.87 -30.98 -12.62
N SER B 362 -11.14 -31.35 -12.58
CA SER B 362 -12.13 -30.86 -13.54
C SER B 362 -12.76 -29.53 -13.11
N ARG B 363 -13.50 -29.56 -12.01
CA ARG B 363 -14.21 -28.37 -11.53
C ARG B 363 -13.40 -27.61 -10.49
N GLN B 364 -12.15 -28.05 -10.29
CA GLN B 364 -11.27 -27.40 -9.32
C GLN B 364 -10.42 -26.35 -10.00
N ILE B 365 -9.91 -26.67 -11.18
CA ILE B 365 -9.18 -25.70 -11.99
C ILE B 365 -10.16 -24.74 -12.67
N LEU B 366 -11.45 -25.11 -12.61
CA LEU B 366 -12.52 -24.31 -13.20
C LEU B 366 -12.84 -23.08 -12.36
N ASP B 367 -12.67 -23.19 -11.04
CA ASP B 367 -12.87 -22.04 -10.17
C ASP B 367 -11.59 -21.22 -10.12
N ARG B 368 -10.51 -21.79 -10.65
CA ARG B 368 -9.37 -20.97 -10.98
C ARG B 368 -9.46 -20.64 -12.48
N LEU B 369 -10.46 -21.22 -13.14
CA LEU B 369 -10.87 -20.70 -14.42
C LEU B 369 -11.89 -19.62 -14.12
N ASN B 370 -12.17 -19.41 -12.83
CA ASN B 370 -12.94 -18.25 -12.41
C ASN B 370 -12.06 -17.34 -11.52
N LYS B 371 -10.89 -16.97 -12.07
CA LYS B 371 -9.83 -16.18 -11.44
C LYS B 371 -9.84 -14.70 -11.69
N GLU B 372 -9.60 -14.44 -12.97
CA GLU B 372 -9.00 -13.24 -13.51
C GLU B 372 -9.97 -12.66 -14.50
N LEU B 373 -11.22 -13.12 -14.43
CA LEU B 373 -12.27 -12.50 -15.20
C LEU B 373 -12.56 -11.15 -14.58
N VAL B 374 -12.15 -10.99 -13.33
CA VAL B 374 -12.26 -9.70 -12.65
C VAL B 374 -10.90 -9.01 -12.63
N HIS B 375 -9.83 -9.77 -12.83
CA HIS B 375 -8.51 -9.19 -13.00
C HIS B 375 -8.38 -8.65 -14.42
N ASN B 376 -9.24 -9.15 -15.30
CA ASN B 376 -9.35 -8.66 -16.67
C ASN B 376 -10.66 -9.15 -17.30
N VAL B 377 -11.49 -8.20 -17.73
CA VAL B 377 -12.78 -8.54 -18.29
C VAL B 377 -12.68 -8.67 -19.81
N ALA B 378 -11.46 -8.62 -20.32
CA ALA B 378 -11.20 -8.91 -21.73
C ALA B 378 -11.30 -10.42 -21.95
N LEU B 379 -11.26 -11.15 -20.84
CA LEU B 379 -11.32 -12.61 -20.88
C LEU B 379 -12.72 -13.12 -20.56
N ARG B 380 -13.08 -14.25 -21.17
CA ARG B 380 -14.34 -14.92 -20.87
C ARG B 380 -14.08 -16.40 -20.61
N VAL B 381 -14.98 -17.03 -19.86
CA VAL B 381 -14.90 -18.46 -19.62
C VAL B 381 -16.27 -19.10 -19.76
N GLU B 382 -16.38 -20.12 -20.61
CA GLU B 382 -17.66 -20.76 -20.88
C GLU B 382 -17.63 -22.24 -20.52
N GLU B 383 -18.82 -22.84 -20.41
CA GLU B 383 -18.93 -24.26 -20.10
C GLU B 383 -19.07 -25.08 -21.37
N THR B 384 -18.23 -26.11 -21.48
CA THR B 384 -18.30 -27.03 -22.62
C THR B 384 -19.14 -28.25 -22.25
N GLU B 385 -19.24 -29.19 -23.17
CA GLU B 385 -19.97 -30.43 -22.93
C GLU B 385 -19.06 -31.43 -22.24
N ASP B 386 -17.81 -31.47 -22.68
CA ASP B 386 -16.78 -32.20 -21.96
C ASP B 386 -16.51 -31.47 -20.65
N ALA B 387 -16.90 -32.08 -19.54
CA ALA B 387 -16.76 -31.45 -18.23
C ALA B 387 -15.33 -31.57 -17.70
N ASP B 388 -14.38 -31.64 -18.61
CA ASP B 388 -12.96 -31.74 -18.26
C ASP B 388 -12.16 -30.79 -19.14
N ALA B 389 -12.88 -30.01 -19.94
CA ALA B 389 -12.27 -29.02 -20.82
C ALA B 389 -13.19 -27.80 -20.90
N PHE B 390 -12.60 -26.61 -21.07
CA PHE B 390 -13.41 -25.40 -21.08
C PHE B 390 -12.95 -24.36 -22.11
N ARG B 391 -13.91 -23.56 -22.56
CA ARG B 391 -13.72 -22.62 -23.66
C ARG B 391 -13.41 -21.21 -23.16
N VAL B 392 -12.12 -20.90 -22.99
CA VAL B 392 -11.72 -19.57 -22.54
C VAL B 392 -11.38 -18.69 -23.74
N SER B 393 -11.49 -17.38 -23.54
CA SER B 393 -11.26 -16.42 -24.61
C SER B 393 -10.50 -15.20 -24.11
N GLY B 394 -9.86 -14.47 -25.01
CA GLY B 394 -9.09 -13.29 -24.63
C GLY B 394 -8.87 -12.32 -25.78
N ARG B 395 -8.06 -11.29 -25.52
CA ARG B 395 -7.77 -10.28 -26.51
C ARG B 395 -6.87 -10.85 -27.61
N GLY B 396 -5.64 -11.21 -27.23
CA GLY B 396 -4.71 -11.81 -28.16
C GLY B 396 -4.20 -13.13 -27.64
N GLU B 397 -3.33 -13.78 -28.41
CA GLU B 397 -2.78 -15.06 -28.00
C GLU B 397 -1.79 -14.88 -26.85
N LEU B 398 -1.13 -13.72 -26.82
CA LEU B 398 -0.14 -13.43 -25.80
C LEU B 398 -0.82 -13.16 -24.45
N HIS B 399 -2.10 -12.79 -24.51
CA HIS B 399 -2.90 -12.58 -23.31
C HIS B 399 -3.14 -13.92 -22.61
N LEU B 400 -3.62 -14.90 -23.36
CA LEU B 400 -3.92 -16.22 -22.81
C LEU B 400 -2.65 -17.03 -22.55
N SER B 401 -1.59 -16.69 -23.27
CA SER B 401 -0.31 -17.41 -23.16
C SER B 401 0.28 -17.31 -21.76
N VAL B 402 0.54 -16.08 -21.32
CA VAL B 402 1.19 -15.86 -20.03
C VAL B 402 0.28 -16.24 -18.86
N LEU B 403 -1.02 -16.35 -19.13
CA LEU B 403 -1.98 -16.83 -18.14
C LEU B 403 -1.61 -18.24 -17.72
N ILE B 404 -1.27 -19.07 -18.72
CA ILE B 404 -0.85 -20.43 -18.47
C ILE B 404 0.53 -20.45 -17.82
N GLU B 405 1.44 -19.61 -18.31
CA GLU B 405 2.82 -19.62 -17.86
C GLU B 405 2.99 -19.53 -16.34
N ASN B 406 2.09 -18.83 -15.66
CA ASN B 406 2.09 -18.90 -14.21
C ASN B 406 0.69 -19.31 -13.69
N MET B 407 0.01 -20.05 -14.56
CA MET B 407 -0.87 -21.12 -14.11
C MET B 407 0.05 -22.35 -13.97
N ARG B 408 1.15 -22.35 -14.71
CA ARG B 408 2.18 -23.39 -14.58
C ARG B 408 2.93 -23.24 -13.26
N ARG B 409 3.58 -22.10 -13.06
CA ARG B 409 4.35 -21.82 -11.85
C ARG B 409 3.48 -21.86 -10.60
N GLU B 410 2.17 -21.92 -10.83
CA GLU B 410 1.20 -21.91 -9.76
C GLU B 410 0.91 -23.33 -9.28
N GLY B 411 1.33 -24.31 -10.07
CA GLY B 411 1.14 -25.71 -9.71
C GLY B 411 -0.05 -26.36 -10.36
N PHE B 412 -0.21 -26.14 -11.67
CA PHE B 412 -1.30 -26.75 -12.41
C PHE B 412 -0.81 -27.68 -13.50
N GLU B 413 -1.70 -28.53 -13.99
CA GLU B 413 -1.39 -29.35 -15.14
C GLU B 413 -2.62 -29.49 -16.03
N LEU B 414 -2.55 -28.88 -17.21
CA LEU B 414 -3.70 -28.80 -18.10
C LEU B 414 -3.36 -29.10 -19.55
N ALA B 415 -4.36 -29.59 -20.29
CA ALA B 415 -4.24 -29.77 -21.73
C ALA B 415 -4.88 -28.57 -22.43
N VAL B 416 -4.20 -28.05 -23.45
CA VAL B 416 -4.67 -26.84 -24.12
C VAL B 416 -4.60 -26.97 -25.65
N SER B 417 -5.66 -26.55 -26.33
CA SER B 417 -5.70 -26.58 -27.78
C SER B 417 -4.96 -25.38 -28.38
N ARG B 418 -5.07 -25.21 -29.70
CA ARG B 418 -4.45 -24.08 -30.37
C ARG B 418 -5.43 -22.92 -30.45
N PRO B 419 -4.92 -21.69 -30.49
CA PRO B 419 -5.80 -20.51 -30.50
C PRO B 419 -6.56 -20.34 -31.82
N LYS B 420 -7.86 -20.15 -31.72
CA LYS B 420 -8.69 -19.87 -32.87
C LYS B 420 -9.44 -18.55 -32.68
N VAL B 421 -9.61 -17.80 -33.75
CA VAL B 421 -10.31 -16.52 -33.68
C VAL B 421 -11.80 -16.73 -33.51
N ILE B 422 -12.46 -15.78 -32.83
CA ILE B 422 -13.89 -15.86 -32.63
C ILE B 422 -14.63 -15.17 -33.78
N PHE B 423 -15.35 -15.96 -34.57
CA PHE B 423 -16.13 -15.44 -35.69
C PHE B 423 -17.42 -14.81 -35.18
N ARG B 424 -17.93 -13.83 -35.92
CA ARG B 424 -19.18 -13.18 -35.58
C ARG B 424 -19.99 -12.87 -36.83
N GLU B 425 -21.28 -13.21 -36.79
CA GLU B 425 -22.17 -12.94 -37.90
C GLU B 425 -22.92 -11.63 -37.70
N ILE B 426 -22.62 -10.65 -38.55
CA ILE B 426 -23.28 -9.35 -38.48
C ILE B 426 -23.96 -9.04 -39.80
N ASP B 427 -25.26 -8.77 -39.74
CA ASP B 427 -26.08 -8.48 -40.91
C ASP B 427 -26.05 -9.62 -41.93
N GLY B 428 -26.04 -10.85 -41.43
CA GLY B 428 -26.02 -12.02 -42.28
C GLY B 428 -24.65 -12.31 -42.87
N ARG B 429 -23.68 -11.47 -42.53
CA ARG B 429 -22.33 -11.61 -43.06
C ARG B 429 -21.36 -12.02 -41.94
N LYS B 430 -20.80 -13.21 -42.06
CA LYS B 430 -19.85 -13.72 -41.08
C LYS B 430 -18.55 -12.90 -41.12
N GLN B 431 -18.14 -12.39 -39.96
CA GLN B 431 -16.97 -11.51 -39.88
C GLN B 431 -15.92 -12.00 -38.90
N GLU B 432 -14.69 -11.58 -39.12
CA GLU B 432 -13.56 -11.98 -38.27
C GLU B 432 -12.75 -10.75 -37.83
N PRO B 433 -11.98 -10.88 -36.75
CA PRO B 433 -11.19 -9.73 -36.28
C PRO B 433 -9.92 -9.48 -37.09
N TYR B 434 -9.79 -8.26 -37.61
CA TYR B 434 -8.56 -7.80 -38.24
C TYR B 434 -7.81 -6.92 -37.25
N GLU B 435 -6.49 -6.81 -37.40
CA GLU B 435 -5.72 -5.98 -36.49
C GLU B 435 -4.49 -5.35 -37.15
N ASN B 436 -4.03 -4.24 -36.58
CA ASN B 436 -2.89 -3.50 -37.11
C ASN B 436 -1.56 -4.05 -36.60
N VAL B 437 -0.62 -4.27 -37.52
CA VAL B 437 0.68 -4.82 -37.16
C VAL B 437 1.83 -3.94 -37.67
N THR B 438 2.73 -3.58 -36.77
CA THR B 438 3.93 -2.84 -37.12
C THR B 438 5.17 -3.72 -36.89
N LEU B 439 6.00 -3.85 -37.91
CA LEU B 439 7.19 -4.70 -37.83
C LEU B 439 8.46 -3.93 -38.12
N ASP B 440 9.51 -4.20 -37.34
CA ASP B 440 10.81 -3.57 -37.54
C ASP B 440 11.87 -4.64 -37.78
N VAL B 441 12.28 -4.79 -39.04
CA VAL B 441 13.26 -5.81 -39.41
C VAL B 441 14.47 -5.21 -40.11
N GLU B 442 15.50 -6.04 -40.32
CA GLU B 442 16.62 -5.66 -41.14
C GLU B 442 16.24 -5.81 -42.61
N GLU B 443 16.91 -5.06 -43.48
CA GLU B 443 16.59 -5.08 -44.90
C GLU B 443 16.88 -6.43 -45.54
N GLN B 444 17.67 -7.25 -44.85
CA GLN B 444 18.01 -8.58 -45.35
C GLN B 444 16.86 -9.57 -45.08
N HIS B 445 15.89 -9.14 -44.28
CA HIS B 445 14.74 -9.97 -43.96
C HIS B 445 13.45 -9.38 -44.54
N GLN B 446 13.53 -8.16 -45.05
CA GLN B 446 12.36 -7.51 -45.62
C GLN B 446 11.76 -8.34 -46.75
N GLY B 447 12.60 -8.75 -47.69
CA GLY B 447 12.17 -9.60 -48.77
C GLY B 447 11.85 -11.02 -48.30
N SER B 448 11.86 -11.22 -46.98
CA SER B 448 11.59 -12.51 -46.38
C SER B 448 10.33 -12.49 -45.51
N VAL B 449 9.94 -11.32 -45.01
CA VAL B 449 8.83 -11.24 -44.07
C VAL B 449 7.52 -10.76 -44.69
N MET B 450 7.61 -10.03 -45.79
CA MET B 450 6.43 -9.44 -46.41
C MET B 450 5.48 -10.52 -46.94
N GLN B 451 6.01 -11.36 -47.84
CA GLN B 451 5.22 -12.41 -48.48
C GLN B 451 4.73 -13.44 -47.46
N ALA B 452 5.51 -13.62 -46.40
CA ALA B 452 5.11 -14.51 -45.31
C ALA B 452 3.83 -13.99 -44.67
N LEU B 453 3.73 -12.68 -44.53
CA LEU B 453 2.50 -12.05 -44.07
C LEU B 453 1.48 -12.06 -45.19
N GLY B 454 1.99 -12.02 -46.43
CA GLY B 454 1.14 -12.08 -47.60
C GLY B 454 0.45 -13.42 -47.74
N GLU B 455 1.16 -14.50 -47.39
CA GLU B 455 0.58 -15.82 -47.41
C GLU B 455 -0.37 -15.98 -46.22
N ARG B 456 -0.22 -15.10 -45.23
CA ARG B 456 -1.10 -15.08 -44.07
C ARG B 456 -2.22 -14.07 -44.24
N LYS B 457 -2.58 -13.81 -45.50
CA LYS B 457 -3.65 -12.88 -45.85
C LYS B 457 -3.43 -11.48 -45.27
N GLY B 458 -2.18 -11.05 -45.23
CA GLY B 458 -1.85 -9.73 -44.73
C GLY B 458 -1.72 -8.72 -45.86
N ASP B 459 -2.48 -7.63 -45.77
CA ASP B 459 -2.44 -6.59 -46.78
C ASP B 459 -1.51 -5.44 -46.38
N LEU B 460 -0.49 -5.22 -47.19
CA LEU B 460 0.50 -4.18 -46.92
C LEU B 460 -0.12 -2.79 -47.03
N LYS B 461 0.23 -1.90 -46.10
CA LYS B 461 -0.32 -0.56 -46.07
C LYS B 461 0.76 0.51 -46.15
N ASN B 462 1.90 0.26 -45.50
CA ASN B 462 2.98 1.23 -45.45
C ASN B 462 4.33 0.60 -45.15
N MET B 463 5.38 1.21 -45.68
CA MET B 463 6.75 0.79 -45.38
C MET B 463 7.64 2.02 -45.24
N ASN B 464 8.68 1.90 -44.41
CA ASN B 464 9.56 3.03 -44.14
C ASN B 464 10.95 2.60 -43.73
N PRO B 465 11.92 2.69 -44.66
CA PRO B 465 13.33 2.39 -44.38
C PRO B 465 13.87 3.28 -43.26
N ASP B 466 14.63 2.67 -42.34
CA ASP B 466 15.16 3.41 -41.20
C ASP B 466 16.27 4.36 -41.64
N GLY B 467 16.88 4.07 -42.78
CA GLY B 467 17.99 4.86 -43.28
C GLY B 467 19.32 4.37 -42.74
N LYS B 468 19.25 3.51 -41.72
CA LYS B 468 20.44 2.98 -41.08
C LYS B 468 20.50 1.47 -41.17
N GLY B 469 19.84 0.89 -42.16
CA GLY B 469 19.91 -0.54 -42.40
C GLY B 469 18.63 -1.29 -42.11
N ARG B 470 17.79 -0.75 -41.23
CA ARG B 470 16.54 -1.41 -40.87
C ARG B 470 15.36 -0.79 -41.60
N VAL B 471 14.16 -1.32 -41.35
CA VAL B 471 12.96 -0.85 -42.03
C VAL B 471 11.70 -1.20 -41.22
N ARG B 472 10.74 -0.29 -41.21
CA ARG B 472 9.48 -0.53 -40.51
C ARG B 472 8.34 -0.79 -41.50
N LEU B 473 7.60 -1.87 -41.28
CA LEU B 473 6.48 -2.25 -42.14
C LEU B 473 5.15 -2.16 -41.40
N ASP B 474 4.07 -1.88 -42.14
CA ASP B 474 2.74 -1.79 -41.54
C ASP B 474 1.75 -2.66 -42.29
N TYR B 475 0.91 -3.39 -41.55
CA TYR B 475 -0.01 -4.34 -42.14
C TYR B 475 -1.40 -4.33 -41.52
N VAL B 476 -2.42 -4.48 -42.36
CA VAL B 476 -3.76 -4.79 -41.90
C VAL B 476 -4.04 -6.25 -42.19
N ILE B 477 -4.10 -7.05 -41.13
CA ILE B 477 -4.18 -8.50 -41.27
C ILE B 477 -5.19 -9.09 -40.30
N PRO B 478 -5.99 -10.06 -40.76
CA PRO B 478 -6.87 -10.77 -39.83
C PRO B 478 -6.07 -11.48 -38.74
N SER B 479 -6.63 -11.52 -37.53
CA SER B 479 -5.97 -12.19 -36.41
C SER B 479 -5.73 -13.67 -36.74
N ARG B 480 -6.60 -14.21 -37.58
CA ARG B 480 -6.50 -15.59 -38.04
C ARG B 480 -5.16 -15.87 -38.71
N GLY B 481 -4.62 -14.85 -39.38
CA GLY B 481 -3.36 -15.01 -40.09
C GLY B 481 -2.14 -14.63 -39.27
N LEU B 482 -2.35 -13.89 -38.20
CA LEU B 482 -1.25 -13.42 -37.36
C LEU B 482 -0.92 -14.41 -36.25
N ILE B 483 -1.84 -15.33 -35.99
CA ILE B 483 -1.69 -16.30 -34.91
C ILE B 483 -0.45 -17.19 -35.10
N GLY B 484 0.41 -17.20 -34.10
CA GLY B 484 1.58 -18.07 -34.10
C GLY B 484 2.69 -17.61 -35.03
N PHE B 485 2.61 -16.37 -35.49
CA PHE B 485 3.60 -15.83 -36.40
C PHE B 485 4.82 -15.31 -35.66
N ARG B 486 4.66 -15.05 -34.37
CA ARG B 486 5.72 -14.50 -33.53
C ARG B 486 7.00 -15.34 -33.55
N SER B 487 6.83 -16.66 -33.44
CA SER B 487 7.97 -17.57 -33.47
C SER B 487 8.48 -17.77 -34.89
N GLU B 488 7.57 -17.67 -35.86
CA GLU B 488 7.94 -17.78 -37.27
C GLU B 488 8.47 -16.43 -37.77
N PHE B 489 8.70 -15.52 -36.83
CA PHE B 489 9.25 -14.22 -37.14
C PHE B 489 10.67 -14.11 -36.60
N MET B 490 10.88 -14.65 -35.41
CA MET B 490 12.20 -14.65 -34.78
C MET B 490 13.13 -15.64 -35.45
N THR B 491 12.55 -16.70 -36.03
CA THR B 491 13.33 -17.69 -36.76
C THR B 491 13.78 -17.13 -38.10
N MET B 492 13.13 -16.05 -38.52
CA MET B 492 13.36 -15.47 -39.83
C MET B 492 14.34 -14.29 -39.76
N THR B 493 14.13 -13.44 -38.76
CA THR B 493 14.96 -12.26 -38.58
C THR B 493 16.19 -12.58 -37.74
N SER B 494 16.35 -13.86 -37.40
CA SER B 494 17.46 -14.33 -36.58
C SER B 494 17.44 -13.72 -35.18
N GLY B 495 16.28 -13.22 -34.76
CA GLY B 495 16.08 -12.74 -33.41
C GLY B 495 16.35 -11.27 -33.16
N THR B 496 16.47 -10.49 -34.23
CA THR B 496 16.73 -9.06 -34.08
C THR B 496 15.52 -8.21 -34.44
N GLY B 497 14.60 -8.79 -35.19
CA GLY B 497 13.40 -8.09 -35.62
C GLY B 497 12.38 -7.95 -34.52
N LEU B 498 11.50 -6.96 -34.65
CA LEU B 498 10.49 -6.69 -33.63
C LEU B 498 9.10 -6.65 -34.24
N LEU B 499 8.10 -7.01 -33.45
CA LEU B 499 6.72 -7.05 -33.92
C LEU B 499 5.74 -6.59 -32.84
N TYR B 500 4.84 -5.69 -33.21
CA TYR B 500 3.81 -5.21 -32.30
C TYR B 500 2.44 -5.28 -32.97
N SER B 501 1.39 -5.46 -32.18
CA SER B 501 0.05 -5.62 -32.72
C SER B 501 -1.03 -4.92 -31.90
N THR B 502 -2.16 -4.65 -32.53
CA THR B 502 -3.29 -3.99 -31.88
C THR B 502 -4.58 -4.24 -32.65
N PHE B 503 -5.62 -4.68 -31.96
CA PHE B 503 -6.91 -4.95 -32.59
C PHE B 503 -7.47 -3.72 -33.26
N SER B 504 -7.99 -3.90 -34.48
CA SER B 504 -8.52 -2.79 -35.26
C SER B 504 -10.04 -2.83 -35.34
N HIS B 505 -10.57 -3.81 -36.08
CA HIS B 505 -11.99 -3.90 -36.32
C HIS B 505 -12.41 -5.26 -36.84
N TYR B 506 -13.71 -5.55 -36.73
CA TYR B 506 -14.29 -6.73 -37.37
C TYR B 506 -14.75 -6.36 -38.77
N ASP B 507 -14.58 -7.30 -39.71
CA ASP B 507 -14.96 -7.07 -41.09
C ASP B 507 -15.19 -8.40 -41.78
N ASP B 508 -15.82 -8.37 -42.95
CA ASP B 508 -16.11 -9.59 -43.72
C ASP B 508 -14.86 -10.45 -43.89
N VAL B 509 -14.99 -11.73 -43.57
CA VAL B 509 -13.85 -12.64 -43.57
C VAL B 509 -13.18 -12.74 -44.93
N ARG B 510 -11.85 -12.89 -44.92
CA ARG B 510 -11.12 -13.09 -46.16
C ARG B 510 -11.25 -14.54 -46.60
N PRO B 511 -11.72 -14.75 -47.83
CA PRO B 511 -11.90 -16.11 -48.36
C PRO B 511 -10.58 -16.86 -48.45
N GLY B 512 -10.51 -18.02 -47.80
CA GLY B 512 -9.30 -18.80 -47.79
C GLY B 512 -8.85 -19.15 -46.39
N GLU B 513 -7.87 -20.04 -46.29
CA GLU B 513 -7.36 -20.47 -44.99
C GLU B 513 -5.86 -20.19 -44.87
N VAL B 514 -5.38 -20.16 -43.64
CA VAL B 514 -3.96 -19.98 -43.39
C VAL B 514 -3.24 -21.31 -43.63
N GLY B 515 -2.06 -21.25 -44.26
CA GLY B 515 -1.29 -22.43 -44.55
C GLY B 515 -1.04 -23.31 -43.34
N GLN B 516 -1.26 -24.61 -43.50
CA GLN B 516 -1.14 -25.56 -42.40
C GLN B 516 0.33 -25.88 -42.12
N ARG B 517 0.57 -26.79 -41.18
CA ARG B 517 1.92 -27.06 -40.69
C ARG B 517 2.85 -27.67 -41.74
N GLN B 518 2.26 -28.16 -42.84
CA GLN B 518 3.01 -28.80 -43.92
C GLN B 518 3.67 -30.11 -43.48
N ASN B 519 4.56 -30.03 -42.51
CA ASN B 519 5.24 -31.22 -41.99
C ASN B 519 4.35 -32.05 -41.08
N GLY B 520 4.59 -33.36 -41.07
CA GLY B 520 3.90 -34.25 -40.16
C GLY B 520 4.67 -34.36 -38.86
N VAL B 521 4.21 -35.23 -37.97
CA VAL B 521 4.86 -35.40 -36.68
C VAL B 521 5.22 -36.85 -36.40
N LEU B 522 6.27 -37.05 -35.61
CA LEU B 522 6.65 -38.38 -35.17
C LEU B 522 5.95 -38.69 -33.84
N ILE B 523 5.01 -39.62 -33.87
CA ILE B 523 4.22 -39.95 -32.69
C ILE B 523 4.74 -41.23 -32.04
N SER B 524 4.88 -41.19 -30.72
CA SER B 524 5.32 -42.37 -29.98
C SER B 524 4.21 -43.42 -29.93
N ASN B 525 4.60 -44.69 -29.92
CA ASN B 525 3.64 -45.78 -29.93
C ASN B 525 3.51 -46.45 -28.56
N GLY B 526 4.43 -46.12 -27.66
CA GLY B 526 4.44 -46.73 -26.35
C GLY B 526 4.97 -45.83 -25.25
N GLN B 527 5.00 -46.37 -24.03
CA GLN B 527 5.45 -45.61 -22.87
C GLN B 527 6.74 -46.20 -22.28
N GLY B 528 7.76 -45.36 -22.14
CA GLY B 528 9.03 -45.80 -21.61
C GLY B 528 10.16 -44.82 -21.88
N LYS B 529 11.37 -45.20 -21.50
CA LYS B 529 12.53 -44.34 -21.69
C LYS B 529 13.05 -44.39 -23.13
N ALA B 530 13.39 -43.23 -23.67
CA ALA B 530 13.92 -43.14 -25.03
C ALA B 530 15.40 -43.54 -25.05
N VAL B 531 15.72 -44.50 -25.90
CA VAL B 531 17.09 -45.00 -25.99
C VAL B 531 17.84 -44.38 -27.17
N ALA B 532 19.15 -44.23 -27.01
CA ALA B 532 20.00 -43.62 -28.03
C ALA B 532 20.05 -44.46 -29.31
N PHE B 533 19.95 -45.77 -29.15
CA PHE B 533 20.03 -46.69 -30.27
C PHE B 533 18.89 -46.49 -31.27
N ALA B 534 17.73 -46.08 -30.78
CA ALA B 534 16.56 -45.87 -31.62
C ALA B 534 16.56 -44.46 -32.22
N LEU B 535 16.91 -43.47 -31.41
CA LEU B 535 16.85 -42.08 -31.82
C LEU B 535 17.83 -41.75 -32.94
N PHE B 536 18.94 -42.50 -33.00
CA PHE B 536 19.93 -42.31 -34.05
C PHE B 536 19.36 -42.71 -35.41
N GLY B 537 18.42 -43.65 -35.39
CA GLY B 537 17.78 -44.12 -36.61
C GLY B 537 16.64 -43.22 -37.04
N LEU B 538 16.12 -42.44 -36.09
CA LEU B 538 15.03 -41.51 -36.38
C LEU B 538 15.56 -40.24 -37.04
N GLN B 539 16.88 -40.05 -36.97
CA GLN B 539 17.51 -38.88 -37.59
C GLN B 539 17.38 -38.92 -39.11
N ASP B 540 17.28 -40.11 -39.66
CA ASP B 540 17.12 -40.28 -41.10
C ASP B 540 15.67 -40.03 -41.53
N ARG B 541 14.87 -39.51 -40.63
CA ARG B 541 13.47 -39.22 -40.91
C ARG B 541 13.05 -37.85 -40.41
N GLY B 542 13.99 -37.12 -39.82
CA GLY B 542 13.71 -35.76 -39.36
C GLY B 542 14.36 -35.40 -38.03
N LYS B 543 13.92 -34.28 -37.46
CA LYS B 543 14.44 -33.80 -36.19
C LYS B 543 13.54 -34.17 -35.03
N LEU B 544 14.12 -34.30 -33.85
CA LEU B 544 13.37 -34.75 -32.67
C LEU B 544 13.44 -33.76 -31.52
N PHE B 545 12.77 -34.09 -30.41
CA PHE B 545 12.65 -33.17 -29.29
C PHE B 545 13.39 -33.62 -28.04
N LEU B 546 14.00 -34.81 -28.09
CA LEU B 546 14.75 -35.33 -26.95
C LEU B 546 15.88 -36.25 -27.40
N GLY B 547 16.92 -36.35 -26.58
CA GLY B 547 18.14 -37.03 -26.98
C GLY B 547 18.48 -38.33 -26.28
N HIS B 548 18.23 -38.42 -24.98
CA HIS B 548 18.60 -39.61 -24.23
C HIS B 548 17.81 -39.76 -22.93
N GLY B 549 17.42 -41.00 -22.63
CA GLY B 549 16.79 -41.33 -21.37
C GLY B 549 15.54 -40.57 -21.01
N ALA B 550 14.96 -39.88 -21.99
CA ALA B 550 13.73 -39.12 -21.77
C ALA B 550 12.55 -40.05 -21.60
N GLU B 551 11.58 -39.65 -20.77
CA GLU B 551 10.42 -40.48 -20.50
C GLU B 551 9.23 -40.09 -21.37
N VAL B 552 8.78 -41.04 -22.18
CA VAL B 552 7.69 -40.79 -23.12
C VAL B 552 6.48 -41.66 -22.81
N TYR B 553 5.34 -41.35 -23.42
CA TYR B 553 4.17 -42.22 -23.36
C TYR B 553 3.51 -42.28 -24.74
N GLU B 554 2.55 -43.18 -24.91
CA GLU B 554 1.90 -43.37 -26.20
C GLU B 554 1.00 -42.20 -26.56
N GLY B 555 1.12 -41.74 -27.80
CA GLY B 555 0.34 -40.60 -28.27
C GLY B 555 1.17 -39.33 -28.26
N GLN B 556 2.24 -39.32 -27.47
CA GLN B 556 3.10 -38.17 -27.35
C GLN B 556 3.90 -37.94 -28.63
N ILE B 557 3.93 -36.70 -29.09
CA ILE B 557 4.68 -36.32 -30.28
C ILE B 557 6.14 -36.03 -29.90
N ILE B 558 7.06 -36.74 -30.55
CA ILE B 558 8.47 -36.68 -30.15
C ILE B 558 9.34 -35.89 -31.12
N GLY B 559 8.84 -35.62 -32.31
CA GLY B 559 9.63 -34.89 -33.30
C GLY B 559 8.86 -34.42 -34.51
N ILE B 560 9.60 -33.88 -35.49
CA ILE B 560 9.01 -33.37 -36.71
C ILE B 560 9.39 -34.25 -37.91
N HIS B 561 8.38 -34.81 -38.57
CA HIS B 561 8.60 -35.68 -39.71
C HIS B 561 9.12 -34.89 -40.90
N SER B 562 10.08 -35.47 -41.62
CA SER B 562 10.65 -34.83 -42.80
C SER B 562 9.60 -34.73 -43.92
N ARG B 563 8.64 -35.65 -43.92
CA ARG B 563 7.58 -35.65 -44.91
C ARG B 563 6.33 -34.98 -44.35
N SER B 564 5.24 -35.03 -45.11
CA SER B 564 4.02 -34.30 -44.77
C SER B 564 3.10 -35.06 -43.82
N ASN B 565 3.07 -36.38 -43.95
CA ASN B 565 2.17 -37.21 -43.16
C ASN B 565 2.70 -37.50 -41.76
N ASP B 566 1.81 -37.93 -40.87
CA ASP B 566 2.21 -38.35 -39.53
C ASP B 566 2.84 -39.74 -39.58
N LEU B 567 3.74 -40.01 -38.64
CA LEU B 567 4.43 -41.30 -38.60
C LEU B 567 4.55 -41.81 -37.17
N THR B 568 3.76 -42.83 -36.84
CA THR B 568 3.82 -43.43 -35.52
C THR B 568 5.09 -44.26 -35.39
N VAL B 569 6.00 -43.80 -34.53
CA VAL B 569 7.33 -44.42 -34.41
C VAL B 569 7.64 -44.81 -32.97
N ASN B 570 8.36 -45.92 -32.82
CA ASN B 570 8.83 -46.34 -31.49
C ASN B 570 10.25 -45.87 -31.23
N CYS B 571 10.50 -45.37 -30.03
CA CYS B 571 11.82 -44.89 -29.64
C CYS B 571 12.29 -45.59 -28.38
N LEU B 572 11.88 -46.85 -28.22
CA LEU B 572 12.12 -47.58 -27.00
C LEU B 572 13.11 -48.73 -27.21
N THR B 573 13.06 -49.35 -28.38
CA THR B 573 13.94 -50.48 -28.68
C THR B 573 15.39 -50.04 -28.80
N VAL B 590 26.67 -40.79 -32.26
CA VAL B 590 25.75 -40.44 -31.18
C VAL B 590 24.82 -39.31 -31.66
N LEU B 591 23.81 -38.99 -30.84
CA LEU B 591 22.71 -38.12 -31.24
C LEU B 591 23.09 -36.71 -31.68
N VAL B 592 22.15 -36.07 -32.36
CA VAL B 592 22.23 -34.66 -32.71
C VAL B 592 21.49 -33.84 -31.65
N PRO B 593 21.81 -32.54 -31.52
CA PRO B 593 21.13 -31.71 -30.51
C PRO B 593 19.62 -31.71 -30.64
N PRO B 594 18.91 -32.02 -29.55
CA PRO B 594 17.44 -32.01 -29.51
C PRO B 594 16.89 -30.61 -29.71
N ILE B 595 15.61 -30.52 -30.11
CA ILE B 595 14.97 -29.23 -30.29
C ILE B 595 13.88 -29.01 -29.25
N ARG B 596 14.21 -28.21 -28.23
CA ARG B 596 13.23 -27.85 -27.22
C ARG B 596 12.50 -26.58 -27.65
N MET B 597 11.19 -26.53 -27.44
CA MET B 597 10.39 -25.40 -27.86
C MET B 597 9.68 -24.74 -26.67
N THR B 598 9.72 -23.42 -26.62
CA THR B 598 9.05 -22.67 -25.57
C THR B 598 7.54 -22.82 -25.70
N LEU B 599 6.80 -22.37 -24.70
CA LEU B 599 5.35 -22.52 -24.65
C LEU B 599 4.69 -21.97 -25.92
N GLU B 600 4.99 -20.72 -26.25
CA GLU B 600 4.44 -20.09 -27.44
C GLU B 600 4.98 -20.74 -28.71
N GLN B 601 6.25 -21.11 -28.68
CA GLN B 601 6.90 -21.73 -29.82
C GLN B 601 6.26 -23.07 -30.19
N ALA B 602 5.85 -23.81 -29.16
CA ALA B 602 5.20 -25.10 -29.36
C ALA B 602 3.71 -24.92 -29.63
N LEU B 603 3.13 -23.85 -29.08
CA LEU B 603 1.71 -23.59 -29.23
C LEU B 603 1.39 -23.06 -30.64
N GLU B 604 2.42 -22.61 -31.34
CA GLU B 604 2.28 -22.19 -32.72
C GLU B 604 2.49 -23.37 -33.66
N PHE B 605 2.89 -24.49 -33.07
CA PHE B 605 3.21 -25.70 -33.81
C PHE B 605 2.03 -26.67 -33.84
N ILE B 606 1.19 -26.59 -32.81
CA ILE B 606 0.10 -27.55 -32.62
C ILE B 606 -0.99 -27.43 -33.69
N ASP B 607 -1.48 -28.59 -34.13
CA ASP B 607 -2.55 -28.65 -35.12
C ASP B 607 -3.89 -28.88 -34.43
N ASP B 608 -4.97 -28.82 -35.20
CA ASP B 608 -6.33 -28.89 -34.66
C ASP B 608 -6.63 -30.23 -33.99
N ASP B 609 -5.92 -31.28 -34.38
CA ASP B 609 -6.13 -32.60 -33.78
C ASP B 609 -5.09 -32.89 -32.70
N GLU B 610 -4.53 -31.83 -32.13
CA GLU B 610 -3.48 -31.97 -31.14
C GLU B 610 -3.68 -31.03 -29.95
N LEU B 611 -2.91 -31.25 -28.89
CA LEU B 611 -2.99 -30.45 -27.67
C LEU B 611 -1.61 -30.20 -27.09
N VAL B 612 -1.52 -29.29 -26.13
CA VAL B 612 -0.29 -29.12 -25.35
C VAL B 612 -0.53 -29.43 -23.89
N GLU B 613 0.32 -30.28 -23.32
CA GLU B 613 0.24 -30.61 -21.90
C GLU B 613 1.24 -29.76 -21.12
N VAL B 614 0.76 -29.08 -20.09
CA VAL B 614 1.59 -28.13 -19.36
C VAL B 614 1.68 -28.46 -17.88
N THR B 615 2.91 -28.61 -17.40
CA THR B 615 3.19 -28.96 -16.00
C THR B 615 3.95 -27.79 -15.36
N PRO B 616 3.97 -27.70 -14.02
CA PRO B 616 4.70 -26.60 -13.37
C PRO B 616 6.17 -26.43 -13.79
N THR B 617 6.72 -27.36 -14.55
CA THR B 617 8.14 -27.28 -14.92
C THR B 617 8.40 -27.22 -16.44
N SER B 618 7.90 -28.19 -17.20
CA SER B 618 8.23 -28.24 -18.63
C SER B 618 7.13 -28.89 -19.48
N ILE B 619 6.46 -28.07 -20.29
CA ILE B 619 5.35 -28.54 -21.12
C ILE B 619 5.76 -29.56 -22.18
N ARG B 620 4.82 -30.45 -22.51
CA ARG B 620 5.03 -31.45 -23.56
C ARG B 620 3.85 -31.44 -24.53
N ILE B 621 4.02 -32.08 -25.69
CA ILE B 621 2.98 -32.05 -26.72
C ILE B 621 2.54 -33.46 -27.15
N ARG B 622 1.25 -33.60 -27.41
CA ARG B 622 0.65 -34.90 -27.71
C ARG B 622 -0.44 -34.77 -28.77
N LYS B 623 -0.95 -35.91 -29.23
CA LYS B 623 -2.10 -35.95 -30.11
C LYS B 623 -3.39 -35.90 -29.30
N ARG B 624 -4.50 -35.62 -29.95
CA ARG B 624 -5.79 -35.64 -29.28
C ARG B 624 -6.16 -37.09 -28.97
N HIS B 625 -6.10 -37.94 -30.00
CA HIS B 625 -6.28 -39.37 -29.82
C HIS B 625 -4.91 -40.03 -29.65
N LEU B 626 -4.71 -40.69 -28.51
CA LEU B 626 -3.41 -41.18 -28.12
C LEU B 626 -2.99 -42.47 -28.84
N THR B 627 -3.96 -43.30 -29.21
CA THR B 627 -3.65 -44.54 -29.90
C THR B 627 -3.81 -44.37 -31.41
N GLU B 628 -2.94 -45.02 -32.17
CA GLU B 628 -2.96 -44.93 -33.62
C GLU B 628 -4.27 -45.44 -34.20
N ASN B 629 -4.86 -46.43 -33.52
CA ASN B 629 -6.13 -47.00 -33.95
C ASN B 629 -7.27 -46.00 -33.87
N ASP B 630 -7.26 -45.18 -32.82
CA ASP B 630 -8.27 -44.14 -32.65
C ASP B 630 -8.13 -43.06 -33.71
N ARG B 631 -6.88 -42.71 -34.03
CA ARG B 631 -6.59 -41.70 -35.03
C ARG B 631 -7.03 -42.15 -36.42
N ARG B 632 -6.82 -43.43 -36.71
CA ARG B 632 -7.17 -43.99 -38.01
C ARG B 632 -8.69 -43.99 -38.22
N ARG B 633 -9.43 -44.13 -37.12
CA ARG B 633 -10.88 -44.13 -37.18
C ARG B 633 -11.42 -42.74 -37.50
N ALA B 634 -10.72 -41.72 -37.02
CA ALA B 634 -11.13 -40.34 -37.25
C ALA B 634 -10.54 -39.77 -38.53
N ASN B 635 -10.56 -40.57 -39.60
CA ASN B 635 -10.04 -40.16 -40.89
C ASN B 635 -10.62 -40.98 -42.03
#